data_3TZE
#
_entry.id   3TZE
#
_cell.length_a   54.110
_cell.length_b   79.160
_cell.length_c   177.010
_cell.angle_alpha   90.000
_cell.angle_beta   90.000
_cell.angle_gamma   90.000
#
_symmetry.space_group_name_H-M   'P 21 21 21'
#
loop_
_entity.id
_entity.type
_entity.pdbx_description
1 polymer 'Tryptophanyl-tRNA synthetase'
2 non-polymer TRYPTOPHAN
3 non-polymer 'POTASSIUM ION'
4 water water
#
_entity_poly.entity_id   1
_entity_poly.type   'polypeptide(L)'
_entity_poly.pdbx_seq_one_letter_code
;MAHHHHHHMGTLEAQTQGPGSMAEQRITPWDVEVVSTDEVPVAIDYDKIINQFGCEKFNQALADRLEKLSGKPAHYFFRR
GIVFAHRDFNLLLDEIANNRPFYLYTGRGPSSKTMHIGHTIPFLLCKYMQDAFKIRLVIQITDDEKFLWKSMRLEDAMAY
GRENIKDIVTLGFDPKLTYIFSNVEASHHFEENILKISKTINLNEAIKVFGFDMSSNIGQVGFPAKEIAPCFSSSFRFIG
KGAMCLVPAAVDQDPFFRLARDKAKALGEKKPSSIYVSLLPDLKGVNRKMSASDPNSSIYLDDAQDTIRKKIIAYAYSGG
RKTLEEHREKGGDIDVDVPFEYLKYFLDDDQELEKYRSGYIKGEITSKEMKEKCVVVIQEFVSRYQESRKRVTDDDLRAF
IDINKF
;
_entity_poly.pdbx_strand_id   A,B
#
# COMPACT_ATOMS: atom_id res chain seq x y z
N VAL A 40 34.25 -5.66 -21.18
CA VAL A 40 35.22 -6.34 -20.25
C VAL A 40 34.56 -7.59 -19.70
N PRO A 41 34.86 -8.76 -20.28
CA PRO A 41 34.18 -10.04 -19.98
C PRO A 41 33.83 -10.36 -18.50
N VAL A 42 34.83 -10.51 -17.63
CA VAL A 42 34.55 -10.78 -16.19
C VAL A 42 34.93 -9.60 -15.29
N ALA A 43 36.10 -9.00 -15.56
CA ALA A 43 36.68 -7.93 -14.73
C ALA A 43 35.81 -6.67 -14.61
N ILE A 44 35.46 -6.36 -13.37
CA ILE A 44 34.60 -5.22 -13.01
C ILE A 44 35.27 -4.31 -11.98
N ASP A 45 35.28 -3.00 -12.22
CA ASP A 45 35.79 -2.03 -11.24
C ASP A 45 34.81 -1.94 -10.08
N TYR A 46 35.09 -2.72 -9.03
CA TYR A 46 34.17 -2.88 -7.93
C TYR A 46 34.10 -1.64 -7.07
N ASP A 47 35.23 -0.93 -7.03
CA ASP A 47 35.37 0.32 -6.30
C ASP A 47 34.52 1.46 -6.88
N LYS A 48 34.47 1.57 -8.20
CA LYS A 48 33.57 2.52 -8.87
C LYS A 48 32.10 2.19 -8.57
N ILE A 49 31.79 0.88 -8.48
CA ILE A 49 30.44 0.41 -8.10
C ILE A 49 30.13 0.80 -6.67
N ILE A 50 31.11 0.62 -5.79
CA ILE A 50 30.97 0.95 -4.37
C ILE A 50 30.81 2.45 -4.12
N ASN A 51 31.57 3.27 -4.85
CA ASN A 51 31.52 4.73 -4.72
C ASN A 51 30.24 5.32 -5.29
N GLN A 52 29.79 4.81 -6.43
CA GLN A 52 28.56 5.31 -7.05
C GLN A 52 27.33 5.11 -6.14
N PHE A 53 27.45 4.30 -5.09
CA PHE A 53 26.33 4.01 -4.19
C PHE A 53 26.45 4.54 -2.74
N GLY A 54 27.69 4.80 -2.29
CA GLY A 54 27.93 5.27 -0.93
C GLY A 54 28.06 4.21 0.16
N CYS A 55 28.23 2.95 -0.24
CA CYS A 55 28.42 1.88 0.75
C CYS A 55 29.90 1.63 1.09
N GLU A 56 30.13 0.71 2.03
CA GLU A 56 31.46 0.29 2.49
C GLU A 56 31.89 -0.93 1.63
N LYS A 57 33.19 -1.14 1.44
CA LYS A 57 33.70 -2.33 0.75
C LYS A 57 33.80 -3.49 1.72
N PHE A 58 33.51 -4.71 1.27
CA PHE A 58 33.73 -5.89 2.11
C PHE A 58 35.22 -6.18 2.23
N ASN A 59 35.62 -6.77 3.36
CA ASN A 59 36.99 -7.28 3.55
C ASN A 59 37.01 -8.64 4.24
N GLN A 60 38.14 -9.32 4.12
CA GLN A 60 38.40 -10.60 4.79
C GLN A 60 38.33 -10.57 6.32
N ALA A 61 38.56 -9.40 6.93
CA ALA A 61 38.36 -9.25 8.37
C ALA A 61 36.93 -9.63 8.77
N LEU A 62 35.94 -9.16 7.99
CA LEU A 62 34.53 -9.44 8.24
C LEU A 62 34.12 -10.92 8.07
N ALA A 63 34.70 -11.60 7.07
CA ALA A 63 34.51 -13.03 6.91
C ALA A 63 35.12 -13.83 8.08
N ASP A 64 36.33 -13.43 8.51
CA ASP A 64 36.97 -14.04 9.68
C ASP A 64 36.09 -13.91 10.89
N ARG A 65 35.61 -12.69 11.13
CA ARG A 65 34.67 -12.44 12.21
C ARG A 65 33.44 -13.36 12.07
N LEU A 66 32.96 -13.54 10.85
CA LEU A 66 31.79 -14.39 10.59
C LEU A 66 32.08 -15.85 10.91
N GLU A 67 33.31 -16.28 10.64
CA GLU A 67 33.73 -17.66 10.91
C GLU A 67 33.74 -17.90 12.43
N LYS A 68 34.45 -17.04 13.16
CA LYS A 68 34.55 -17.20 14.61
C LYS A 68 33.15 -17.28 15.24
N LEU A 69 32.23 -16.47 14.71
CA LEU A 69 30.96 -16.23 15.38
C LEU A 69 29.95 -17.34 15.14
N SER A 70 30.08 -17.97 13.98
CA SER A 70 29.23 -19.06 13.61
C SER A 70 29.89 -20.40 13.92
N GLY A 71 31.16 -20.37 14.33
CA GLY A 71 31.94 -21.63 14.49
C GLY A 71 32.31 -22.24 13.15
N LYS A 72 31.28 -22.49 12.32
CA LYS A 72 31.43 -23.00 10.95
C LYS A 72 32.19 -22.01 10.04
N PRO A 73 32.91 -22.53 9.03
CA PRO A 73 33.56 -21.71 7.98
C PRO A 73 32.62 -20.74 7.25
N ALA A 74 33.20 -19.64 6.76
CA ALA A 74 32.41 -18.61 6.10
C ALA A 74 32.00 -19.07 4.73
N HIS A 75 30.73 -18.92 4.39
CA HIS A 75 30.30 -19.25 3.05
C HIS A 75 31.28 -18.74 2.03
N TYR A 76 31.62 -19.62 1.09
CA TYR A 76 32.54 -19.24 0.02
C TYR A 76 32.18 -17.96 -0.73
N PHE A 77 30.94 -17.48 -0.58
CA PHE A 77 30.57 -16.21 -1.23
C PHE A 77 31.43 -15.09 -0.68
N PHE A 78 31.70 -15.18 0.61
CA PHE A 78 32.46 -14.16 1.33
C PHE A 78 33.95 -14.20 1.06
N ARG A 79 34.46 -15.35 0.65
CA ARG A 79 35.89 -15.59 0.45
C ARG A 79 36.35 -15.33 -0.98
N ARG A 80 35.44 -15.50 -1.94
CA ARG A 80 35.81 -15.47 -3.36
C ARG A 80 35.46 -14.14 -4.02
N GLY A 81 35.14 -13.15 -3.20
CA GLY A 81 34.83 -11.82 -3.70
C GLY A 81 33.39 -11.57 -4.08
N ILE A 82 32.51 -12.55 -3.91
CA ILE A 82 31.14 -12.38 -4.38
C ILE A 82 30.36 -11.40 -3.49
N VAL A 83 30.64 -11.42 -2.18
CA VAL A 83 30.18 -10.36 -1.33
C VAL A 83 31.25 -9.27 -1.35
N PHE A 84 30.98 -8.20 -2.06
CA PHE A 84 32.00 -7.19 -2.33
C PHE A 84 31.76 -5.91 -1.53
N ALA A 85 30.49 -5.59 -1.29
CA ALA A 85 30.16 -4.36 -0.62
C ALA A 85 29.21 -4.67 0.50
N HIS A 86 28.94 -3.69 1.33
CA HIS A 86 28.02 -3.86 2.44
C HIS A 86 27.75 -2.52 3.03
N ARG A 87 26.69 -2.43 3.81
CA ARG A 87 26.50 -1.36 4.75
C ARG A 87 26.28 -1.98 6.12
N ASP A 88 27.13 -1.54 7.06
CA ASP A 88 27.04 -1.92 8.47
C ASP A 88 27.06 -3.41 8.75
N PHE A 89 27.77 -4.21 7.94
CA PHE A 89 27.92 -5.63 8.29
C PHE A 89 28.73 -5.85 9.57
N ASN A 90 29.75 -5.03 9.80
CA ASN A 90 30.42 -5.00 11.10
C ASN A 90 29.42 -4.90 12.27
N LEU A 91 28.38 -4.09 12.11
CA LEU A 91 27.40 -3.91 13.22
C LEU A 91 26.47 -5.10 13.42
N LEU A 92 26.14 -5.77 12.31
CA LEU A 92 25.35 -6.98 12.35
C LEU A 92 26.12 -8.11 13.03
N LEU A 93 27.40 -8.16 12.69
CA LEU A 93 28.34 -9.02 13.40
C LEU A 93 28.37 -8.69 14.90
N ASP A 94 28.29 -7.41 15.25
CA ASP A 94 28.32 -6.98 16.66
C ASP A 94 27.07 -7.43 17.42
N GLU A 95 25.94 -7.39 16.73
CA GLU A 95 24.70 -7.95 17.25
C GLU A 95 24.83 -9.45 17.57
N ILE A 96 25.34 -10.23 16.60
CA ILE A 96 25.56 -11.67 16.78
C ILE A 96 26.46 -11.93 17.98
N ALA A 97 27.57 -11.20 18.04
CA ALA A 97 28.54 -11.39 19.11
C ALA A 97 27.91 -11.05 20.46
N ASN A 98 26.85 -10.27 20.45
CA ASN A 98 26.19 -9.86 21.68
C ASN A 98 24.97 -10.70 22.07
N ASN A 99 24.90 -11.92 21.52
CA ASN A 99 23.76 -12.83 21.69
C ASN A 99 22.44 -12.16 21.32
N ARG A 100 22.51 -11.18 20.42
CA ARG A 100 21.30 -10.51 19.99
C ARG A 100 20.88 -11.15 18.71
N PRO A 101 19.57 -11.29 18.50
CA PRO A 101 19.18 -12.05 17.33
C PRO A 101 19.07 -11.12 16.14
N PHE A 102 19.21 -11.69 14.94
CA PHE A 102 18.89 -10.91 13.74
C PHE A 102 18.05 -11.75 12.79
N TYR A 103 17.57 -11.13 11.72
CA TYR A 103 16.86 -11.89 10.72
C TYR A 103 17.30 -11.47 9.36
N LEU A 104 17.11 -12.35 8.39
CA LEU A 104 17.40 -12.06 7.01
C LEU A 104 16.14 -11.60 6.34
N TYR A 105 16.30 -10.75 5.32
CA TYR A 105 15.19 -10.32 4.46
C TYR A 105 15.70 -10.30 3.03
N THR A 106 14.95 -10.89 2.11
CA THR A 106 15.26 -10.66 0.70
C THR A 106 14.01 -10.70 -0.16
N GLY A 107 14.16 -10.52 -1.45
CA GLY A 107 12.99 -10.35 -2.27
C GLY A 107 13.17 -10.89 -3.65
N ARG A 108 12.05 -11.09 -4.33
CA ARG A 108 12.03 -11.47 -5.74
C ARG A 108 10.77 -10.84 -6.33
N GLY A 109 10.95 -10.19 -7.47
CA GLY A 109 9.81 -9.76 -8.23
C GLY A 109 9.53 -10.91 -9.16
N PRO A 110 8.29 -11.45 -9.12
CA PRO A 110 7.94 -12.57 -10.00
C PRO A 110 7.91 -12.17 -11.47
N SER A 111 8.35 -13.07 -12.34
CA SER A 111 8.19 -12.83 -13.76
C SER A 111 7.52 -14.04 -14.42
N SER A 112 7.02 -13.83 -15.63
CA SER A 112 6.39 -14.88 -16.42
C SER A 112 7.40 -16.00 -16.73
N LYS A 113 8.68 -15.62 -16.79
CA LYS A 113 9.78 -16.47 -17.28
C LYS A 113 10.47 -17.32 -16.20
N THR A 114 10.98 -18.48 -16.61
CA THR A 114 11.81 -19.28 -15.73
C THR A 114 13.04 -18.45 -15.42
N MET A 115 13.39 -18.36 -14.13
CA MET A 115 14.54 -17.56 -13.71
C MET A 115 15.85 -18.31 -14.02
N HIS A 116 16.93 -17.59 -14.32
CA HIS A 116 18.21 -18.22 -14.65
C HIS A 116 19.02 -18.41 -13.41
N ILE A 117 20.03 -19.26 -13.47
CA ILE A 117 20.74 -19.70 -12.25
C ILE A 117 21.33 -18.53 -11.48
N GLY A 118 21.67 -17.45 -12.19
CA GLY A 118 22.11 -16.20 -11.56
C GLY A 118 21.17 -15.73 -10.46
N HIS A 119 19.87 -15.86 -10.70
CA HIS A 119 18.84 -15.46 -9.73
C HIS A 119 18.95 -16.19 -8.41
N THR A 120 19.56 -17.38 -8.42
CA THR A 120 19.65 -18.18 -7.22
C THR A 120 20.63 -17.65 -6.18
N ILE A 121 21.53 -16.77 -6.61
CA ILE A 121 22.70 -16.37 -5.84
C ILE A 121 22.34 -15.78 -4.47
N PRO A 122 21.50 -14.72 -4.43
CA PRO A 122 21.26 -14.18 -3.08
C PRO A 122 20.46 -15.14 -2.22
N PHE A 123 19.57 -15.92 -2.83
CA PHE A 123 18.83 -16.96 -2.09
C PHE A 123 19.73 -18.07 -1.50
N LEU A 124 20.77 -18.48 -2.23
CA LEU A 124 21.78 -19.40 -1.71
C LEU A 124 22.52 -18.78 -0.51
N LEU A 125 22.95 -17.53 -0.65
CA LEU A 125 23.53 -16.81 0.47
C LEU A 125 22.63 -16.84 1.71
N CYS A 126 21.32 -16.68 1.53
CA CYS A 126 20.36 -16.76 2.65
C CYS A 126 20.28 -18.17 3.27
N LYS A 127 20.13 -19.18 2.42
CA LYS A 127 20.07 -20.57 2.88
C LYS A 127 21.20 -20.85 3.87
N TYR A 128 22.39 -20.39 3.52
CA TYR A 128 23.59 -20.56 4.31
C TYR A 128 23.51 -19.78 5.60
N MET A 129 23.18 -18.51 5.47
CA MET A 129 23.15 -17.64 6.62
C MET A 129 22.15 -18.19 7.63
N GLN A 130 21.05 -18.75 7.11
CA GLN A 130 19.97 -19.27 7.93
C GLN A 130 20.41 -20.51 8.67
N ASP A 131 21.08 -21.42 7.95
CA ASP A 131 21.52 -22.68 8.53
C ASP A 131 22.65 -22.47 9.53
N ALA A 132 23.50 -21.48 9.27
CA ALA A 132 24.68 -21.24 10.07
C ALA A 132 24.26 -20.59 11.38
N PHE A 133 23.19 -19.79 11.35
CA PHE A 133 22.74 -19.14 12.57
C PHE A 133 21.37 -19.56 13.07
N LYS A 134 20.78 -20.58 12.45
CA LYS A 134 19.42 -20.98 12.76
C LYS A 134 18.56 -19.73 13.06
N ILE A 135 18.54 -18.79 12.12
CA ILE A 135 17.78 -17.55 12.24
C ILE A 135 16.62 -17.47 11.24
N ARG A 136 15.70 -16.53 11.48
CA ARG A 136 14.53 -16.34 10.63
C ARG A 136 14.83 -15.65 9.31
N LEU A 137 14.02 -15.95 8.30
CA LEU A 137 14.15 -15.36 6.98
C LEU A 137 12.79 -14.96 6.41
N VAL A 138 12.72 -13.79 5.78
CA VAL A 138 11.45 -13.27 5.25
C VAL A 138 11.70 -12.98 3.79
N ILE A 139 10.85 -13.51 2.92
CA ILE A 139 11.04 -13.35 1.52
C ILE A 139 9.81 -12.67 0.92
N GLN A 140 10.00 -11.41 0.50
CA GLN A 140 8.94 -10.63 -0.13
C GLN A 140 8.86 -10.90 -1.63
N ILE A 141 7.71 -11.41 -2.06
CA ILE A 141 7.47 -11.60 -3.45
C ILE A 141 6.71 -10.39 -3.90
N THR A 142 7.30 -9.61 -4.79
CA THR A 142 6.70 -8.33 -5.14
C THR A 142 5.82 -8.45 -6.38
N ASP A 143 4.72 -9.18 -6.23
CA ASP A 143 3.74 -9.29 -7.30
C ASP A 143 3.09 -7.93 -7.62
N ASP A 144 2.83 -7.15 -6.57
CA ASP A 144 2.44 -5.75 -6.70
C ASP A 144 3.38 -4.97 -7.62
N GLU A 145 4.68 -4.97 -7.32
CA GLU A 145 5.68 -4.22 -8.10
C GLU A 145 5.63 -4.62 -9.56
N LYS A 146 5.69 -5.92 -9.83
CA LYS A 146 5.65 -6.42 -11.20
C LYS A 146 4.33 -6.02 -11.88
N PHE A 147 3.23 -5.98 -11.12
CA PHE A 147 1.97 -5.55 -11.70
C PHE A 147 2.04 -4.06 -12.04
N LEU A 148 2.59 -3.30 -11.10
CA LEU A 148 2.61 -1.85 -11.15
C LEU A 148 3.54 -1.27 -12.22
N TRP A 149 4.51 -2.07 -12.63
CA TRP A 149 5.56 -1.68 -13.56
C TRP A 149 5.42 -2.23 -14.94
N LYS A 150 4.71 -3.36 -15.09
CA LYS A 150 4.64 -4.07 -16.37
C LYS A 150 3.26 -3.96 -17.00
N SER A 151 3.12 -4.44 -18.23
CA SER A 151 1.82 -4.57 -18.90
C SER A 151 1.22 -5.96 -18.63
N MET A 152 0.58 -6.08 -17.48
CA MET A 152 0.22 -7.35 -16.91
C MET A 152 -1.14 -7.20 -16.24
N ARG A 153 -1.94 -8.25 -16.26
CA ARG A 153 -3.10 -8.30 -15.38
C ARG A 153 -2.57 -8.65 -13.97
N LEU A 154 -3.26 -8.17 -12.94
CA LEU A 154 -2.83 -8.40 -11.57
C LEU A 154 -2.89 -9.88 -11.30
N GLU A 155 -3.97 -10.50 -11.78
CA GLU A 155 -4.15 -11.94 -11.70
C GLU A 155 -2.91 -12.71 -12.14
N ASP A 156 -2.22 -12.23 -13.16
CA ASP A 156 -1.05 -12.95 -13.67
C ASP A 156 0.16 -12.77 -12.75
N ALA A 157 0.45 -11.52 -12.40
CA ALA A 157 1.55 -11.20 -11.49
C ALA A 157 1.43 -12.06 -10.24
N MET A 158 0.18 -12.22 -9.79
CA MET A 158 -0.07 -13.03 -8.60
C MET A 158 0.15 -14.52 -8.85
N ALA A 159 -0.30 -15.00 -10.00
CA ALA A 159 -0.03 -16.38 -10.43
C ALA A 159 1.47 -16.66 -10.52
N TYR A 160 2.18 -15.76 -11.21
CA TYR A 160 3.63 -15.86 -11.37
C TYR A 160 4.32 -15.82 -10.01
N GLY A 161 3.85 -14.93 -9.15
CA GLY A 161 4.26 -14.87 -7.75
C GLY A 161 4.16 -16.22 -7.08
N ARG A 162 3.02 -16.87 -7.19
CA ARG A 162 2.84 -18.19 -6.61
C ARG A 162 3.80 -19.26 -7.17
N GLU A 163 4.11 -19.17 -8.46
CA GLU A 163 5.10 -20.10 -9.01
C GLU A 163 6.49 -19.81 -8.46
N ASN A 164 6.84 -18.54 -8.28
CA ASN A 164 8.16 -18.18 -7.79
C ASN A 164 8.41 -18.59 -6.33
N ILE A 165 7.34 -18.72 -5.57
CA ILE A 165 7.44 -19.27 -4.25
C ILE A 165 7.81 -20.75 -4.35
N LYS A 166 7.21 -21.48 -5.27
CA LYS A 166 7.64 -22.86 -5.52
C LYS A 166 9.12 -22.88 -5.96
N ASP A 167 9.49 -21.96 -6.85
CA ASP A 167 10.86 -21.88 -7.39
C ASP A 167 11.90 -21.68 -6.29
N ILE A 168 11.54 -20.87 -5.30
CA ILE A 168 12.48 -20.52 -4.22
C ILE A 168 12.61 -21.61 -3.16
N VAL A 169 11.47 -22.14 -2.72
CA VAL A 169 11.37 -23.21 -1.73
C VAL A 169 12.19 -24.42 -2.14
N THR A 170 12.30 -24.60 -3.46
CA THR A 170 13.12 -25.64 -4.08
C THR A 170 14.55 -25.68 -3.57
N LEU A 171 15.09 -24.51 -3.28
CA LEU A 171 16.50 -24.38 -2.88
C LEU A 171 16.71 -24.88 -1.47
N GLY A 172 15.61 -25.18 -0.78
CA GLY A 172 15.63 -25.91 0.46
C GLY A 172 15.92 -25.07 1.68
N PHE A 173 14.92 -24.34 2.13
CA PHE A 173 15.04 -23.53 3.31
C PHE A 173 14.40 -24.24 4.49
N ASP A 174 14.63 -23.72 5.68
CA ASP A 174 14.02 -24.30 6.85
C ASP A 174 12.57 -23.82 6.96
N PRO A 175 11.60 -24.76 6.92
CA PRO A 175 10.19 -24.37 6.95
C PRO A 175 9.86 -23.64 8.24
N LYS A 176 10.54 -24.02 9.31
CA LYS A 176 10.28 -23.44 10.63
C LYS A 176 10.80 -22.00 10.79
N LEU A 177 11.68 -21.54 9.91
CA LEU A 177 12.25 -20.20 10.11
C LEU A 177 12.07 -19.25 8.94
N THR A 178 11.22 -19.61 7.99
CA THR A 178 11.13 -18.88 6.74
C THR A 178 9.71 -18.50 6.39
N TYR A 179 9.51 -17.20 6.22
CA TYR A 179 8.23 -16.69 5.83
C TYR A 179 8.37 -16.09 4.43
N ILE A 180 7.66 -16.69 3.47
CA ILE A 180 7.63 -16.25 2.08
C ILE A 180 6.21 -15.82 1.85
N PHE A 181 6.01 -14.65 1.27
CA PHE A 181 4.65 -14.11 1.15
C PHE A 181 4.50 -13.23 -0.07
N SER A 182 3.28 -13.14 -0.58
CA SER A 182 2.96 -12.21 -1.64
C SER A 182 2.68 -10.86 -0.99
N ASN A 183 3.16 -9.78 -1.59
CA ASN A 183 2.79 -8.45 -1.13
C ASN A 183 1.30 -8.17 -1.21
N VAL A 184 0.65 -8.71 -2.22
CA VAL A 184 -0.74 -8.36 -2.48
C VAL A 184 -1.61 -8.89 -1.33
N GLU A 185 -1.57 -10.22 -1.13
CA GLU A 185 -2.17 -10.91 0.01
C GLU A 185 -1.68 -10.48 1.40
N ALA A 186 -0.39 -10.18 1.56
CA ALA A 186 0.20 -10.25 2.90
C ALA A 186 0.88 -9.01 3.50
N SER A 187 1.21 -8.03 2.65
CA SER A 187 1.88 -6.82 3.11
C SER A 187 1.03 -5.98 4.05
N HIS A 188 -0.27 -6.24 4.10
CA HIS A 188 -1.13 -5.53 5.03
C HIS A 188 -0.85 -5.89 6.47
N HIS A 189 -0.19 -7.02 6.72
CA HIS A 189 0.16 -7.32 8.11
C HIS A 189 1.14 -6.34 8.68
N PHE A 190 1.77 -5.56 7.80
CA PHE A 190 2.63 -4.43 8.18
C PHE A 190 2.25 -3.10 7.53
N GLU A 191 0.95 -2.90 7.32
CA GLU A 191 0.47 -1.66 6.74
C GLU A 191 0.85 -0.46 7.62
N GLU A 192 1.03 -0.69 8.91
CA GLU A 192 1.43 0.39 9.81
C GLU A 192 2.81 0.92 9.47
N ASN A 193 3.74 -0.01 9.27
CA ASN A 193 5.09 0.35 8.91
C ASN A 193 5.10 1.00 7.50
N ILE A 194 4.34 0.42 6.57
CA ILE A 194 4.19 1.01 5.25
C ILE A 194 3.74 2.46 5.41
N LEU A 195 2.61 2.67 6.07
CA LEU A 195 2.15 4.02 6.32
C LEU A 195 3.19 4.92 7.02
N LYS A 196 3.87 4.41 8.06
CA LYS A 196 4.85 5.23 8.77
C LYS A 196 6.02 5.58 7.85
N ILE A 197 6.53 4.57 7.15
CA ILE A 197 7.59 4.79 6.19
C ILE A 197 7.17 5.78 5.12
N SER A 198 5.95 5.61 4.58
CA SER A 198 5.46 6.52 3.55
C SER A 198 5.47 7.98 4.00
N LYS A 199 5.29 8.22 5.30
CA LYS A 199 5.22 9.59 5.76
C LYS A 199 6.60 10.29 5.67
N THR A 200 7.67 9.50 5.83
CA THR A 200 9.06 9.98 5.91
C THR A 200 9.74 10.23 4.54
N ILE A 201 9.03 9.97 3.45
CA ILE A 201 9.64 10.03 2.14
C ILE A 201 8.77 10.97 1.31
N ASN A 202 9.29 12.15 0.99
CA ASN A 202 8.55 13.03 0.09
C ASN A 202 8.80 12.74 -1.38
N LEU A 203 7.96 13.30 -2.24
CA LEU A 203 8.05 13.15 -3.68
C LEU A 203 9.38 13.62 -4.21
N ASN A 204 9.85 14.77 -3.74
CA ASN A 204 11.17 15.25 -4.12
C ASN A 204 12.19 14.15 -3.95
N GLU A 205 12.18 13.49 -2.79
CA GLU A 205 13.10 12.40 -2.51
C GLU A 205 12.80 11.15 -3.36
N ALA A 206 11.54 10.69 -3.33
CA ALA A 206 11.07 9.55 -4.13
C ALA A 206 11.54 9.62 -5.59
N ILE A 207 11.42 10.81 -6.19
CA ILE A 207 11.91 11.03 -7.55
C ILE A 207 13.45 11.02 -7.60
N LYS A 208 14.12 11.93 -6.88
CA LYS A 208 15.59 12.00 -6.94
C LYS A 208 16.19 10.57 -6.80
N VAL A 209 15.59 9.75 -5.94
CA VAL A 209 16.18 8.46 -5.61
C VAL A 209 15.76 7.32 -6.52
N PHE A 210 14.49 7.26 -6.93
CA PHE A 210 14.01 6.14 -7.77
C PHE A 210 13.81 6.43 -9.26
N GLY A 211 13.83 7.71 -9.63
CA GLY A 211 13.72 8.08 -11.04
C GLY A 211 12.29 8.17 -11.54
N PHE A 212 11.34 8.25 -10.60
CA PHE A 212 9.93 8.49 -10.96
C PHE A 212 9.77 9.75 -11.81
N ASP A 213 8.76 9.76 -12.67
CA ASP A 213 8.44 10.98 -13.39
C ASP A 213 6.94 11.16 -13.46
N MET A 214 6.52 12.16 -14.25
CA MET A 214 5.12 12.50 -14.39
C MET A 214 4.31 11.34 -14.94
N SER A 215 4.93 10.47 -15.72
CA SER A 215 4.17 9.35 -16.23
C SER A 215 4.20 8.12 -15.32
N SER A 216 4.87 8.20 -14.18
CA SER A 216 4.84 7.12 -13.18
C SER A 216 3.46 7.05 -12.54
N ASN A 217 2.98 5.84 -12.24
CA ASN A 217 1.64 5.74 -11.64
C ASN A 217 1.80 5.82 -10.14
N ILE A 218 0.74 6.18 -9.43
CA ILE A 218 0.89 6.49 -8.01
C ILE A 218 1.13 5.24 -7.14
N GLY A 219 0.85 4.06 -7.69
CA GLY A 219 1.20 2.81 -7.03
C GLY A 219 2.72 2.69 -6.99
N GLN A 220 3.36 2.89 -8.12
CA GLN A 220 4.82 2.85 -8.23
C GLN A 220 5.49 3.78 -7.24
N VAL A 221 5.03 5.03 -7.22
CA VAL A 221 5.54 6.06 -6.32
C VAL A 221 5.47 5.64 -4.86
N GLY A 222 4.38 4.97 -4.47
CA GLY A 222 4.23 4.55 -3.07
C GLY A 222 4.99 3.27 -2.78
N PHE A 223 5.33 2.52 -3.83
CA PHE A 223 5.88 1.19 -3.65
C PHE A 223 7.16 1.08 -2.78
N PRO A 224 8.07 2.07 -2.79
CA PRO A 224 9.30 1.83 -2.03
C PRO A 224 9.09 1.64 -0.53
N ALA A 225 8.06 2.25 0.04
CA ALA A 225 7.69 2.01 1.44
C ALA A 225 7.43 0.54 1.66
N LYS A 226 6.92 -0.14 0.64
CA LYS A 226 6.55 -1.56 0.81
C LYS A 226 7.78 -2.48 0.77
N GLU A 227 8.81 -2.03 0.06
CA GLU A 227 10.03 -2.80 0.01
C GLU A 227 10.86 -2.49 1.27
N ILE A 228 10.75 -1.25 1.75
CA ILE A 228 11.46 -0.83 2.94
C ILE A 228 10.93 -1.53 4.19
N ALA A 229 9.62 -1.70 4.28
CA ALA A 229 9.00 -2.17 5.54
C ALA A 229 9.60 -3.45 6.14
N PRO A 230 9.84 -4.46 5.31
CA PRO A 230 10.36 -5.69 5.93
C PRO A 230 11.75 -5.56 6.56
N CYS A 231 12.45 -4.45 6.32
CA CYS A 231 13.72 -4.11 7.02
C CYS A 231 13.60 -3.90 8.54
N PHE A 232 12.38 -3.87 9.05
CA PHE A 232 12.14 -3.52 10.44
C PHE A 232 11.44 -4.67 11.11
N SER A 233 12.02 -5.11 12.23
CA SER A 233 11.57 -6.34 12.86
C SER A 233 10.11 -6.23 13.22
N SER A 234 9.63 -5.02 13.50
CA SER A 234 8.23 -4.83 13.86
C SER A 234 7.26 -5.12 12.72
N SER A 235 7.78 -5.25 11.49
CA SER A 235 6.93 -5.58 10.35
C SER A 235 6.42 -7.01 10.43
N PHE A 236 6.98 -7.77 11.38
CA PHE A 236 6.62 -9.17 11.54
C PHE A 236 6.46 -9.52 12.99
N ARG A 237 5.22 -9.88 13.35
CA ARG A 237 4.83 -10.13 14.73
C ARG A 237 5.70 -11.18 15.38
N PHE A 238 6.17 -12.13 14.60
CA PHE A 238 6.93 -13.28 15.11
C PHE A 238 8.44 -13.10 15.26
N ILE A 239 8.93 -11.87 15.15
CA ILE A 239 10.37 -11.58 15.28
C ILE A 239 10.62 -10.68 16.49
N GLY A 240 11.67 -10.98 17.27
CA GLY A 240 12.00 -10.24 18.49
C GLY A 240 11.88 -8.73 18.40
N LYS A 241 11.42 -8.09 19.50
CA LYS A 241 11.10 -6.64 19.56
C LYS A 241 11.93 -5.74 18.63
N GLY A 242 13.25 -5.81 18.76
CA GLY A 242 14.13 -5.01 17.91
C GLY A 242 15.29 -5.77 17.31
N ALA A 243 15.00 -6.94 16.70
CA ALA A 243 16.03 -7.71 16.01
C ALA A 243 16.49 -6.98 14.76
N MET A 244 17.79 -6.97 14.52
CA MET A 244 18.32 -6.21 13.41
C MET A 244 18.08 -6.98 12.14
N CYS A 245 17.77 -6.27 11.07
CA CYS A 245 17.60 -6.92 9.80
C CYS A 245 18.92 -6.97 9.03
N LEU A 246 19.10 -8.05 8.26
CA LEU A 246 20.20 -8.16 7.32
C LEU A 246 19.62 -8.46 5.97
N VAL A 247 19.95 -7.62 4.99
CA VAL A 247 19.42 -7.79 3.66
C VAL A 247 20.50 -8.16 2.66
N PRO A 248 20.50 -9.43 2.26
CA PRO A 248 21.31 -9.90 1.14
C PRO A 248 20.65 -9.44 -0.16
N ALA A 249 21.42 -8.75 -0.99
CA ALA A 249 20.86 -8.10 -2.14
C ALA A 249 21.87 -7.87 -3.24
N ALA A 250 21.30 -7.72 -4.44
CA ALA A 250 21.93 -7.10 -5.56
C ALA A 250 22.16 -5.66 -5.12
N VAL A 251 23.32 -5.10 -5.45
CA VAL A 251 23.55 -3.68 -5.15
C VAL A 251 22.47 -2.75 -5.75
N ASP A 252 21.97 -3.09 -6.95
CA ASP A 252 20.88 -2.33 -7.60
C ASP A 252 19.68 -2.07 -6.65
N GLN A 253 19.69 -2.78 -5.51
CA GLN A 253 18.67 -2.63 -4.47
C GLN A 253 19.06 -1.66 -3.34
N ASP A 254 20.30 -1.17 -3.35
CA ASP A 254 20.81 -0.31 -2.28
C ASP A 254 19.91 0.89 -1.95
N PRO A 255 19.50 1.68 -2.98
CA PRO A 255 18.69 2.86 -2.71
C PRO A 255 17.59 2.55 -1.72
N PHE A 256 16.88 1.42 -1.87
CA PHE A 256 15.86 1.04 -0.88
C PHE A 256 16.44 0.99 0.55
N PHE A 257 17.63 0.42 0.70
CA PHE A 257 18.21 0.23 2.04
C PHE A 257 18.94 1.46 2.61
N ARG A 258 19.65 2.20 1.77
CA ARG A 258 20.17 3.49 2.22
C ARG A 258 19.02 4.31 2.82
N LEU A 259 17.91 4.37 2.09
CA LEU A 259 16.70 5.08 2.51
C LEU A 259 16.14 4.49 3.79
N ALA A 260 16.05 3.16 3.85
CA ALA A 260 15.56 2.50 5.07
C ALA A 260 16.40 2.86 6.31
N ARG A 261 17.71 3.01 6.09
CA ARG A 261 18.64 3.32 7.16
C ARG A 261 18.48 4.77 7.55
N ASP A 262 18.17 5.61 6.57
CA ASP A 262 17.96 7.01 6.85
C ASP A 262 16.69 7.28 7.65
N LYS A 263 15.75 6.35 7.62
CA LYS A 263 14.47 6.60 8.23
C LYS A 263 14.37 5.81 9.49
N ALA A 264 15.38 4.98 9.76
CA ALA A 264 15.45 4.17 10.97
C ALA A 264 15.21 5.04 12.18
N LYS A 265 16.03 6.06 12.36
CA LYS A 265 15.90 6.90 13.58
C LYS A 265 14.48 7.47 13.64
N ALA A 266 14.02 8.00 12.51
CA ALA A 266 12.71 8.63 12.44
C ALA A 266 11.63 7.67 12.95
N LEU A 267 11.84 6.37 12.76
CA LEU A 267 10.81 5.39 13.05
C LEU A 267 11.01 4.67 14.37
N GLY A 268 12.10 5.04 15.06
CA GLY A 268 12.51 4.43 16.32
C GLY A 268 12.95 3.00 16.14
N GLU A 269 13.39 2.65 14.94
CA GLU A 269 13.74 1.26 14.58
C GLU A 269 15.23 1.12 14.37
N LYS A 270 15.75 -0.10 14.58
CA LYS A 270 17.17 -0.41 14.32
C LYS A 270 17.42 -0.38 12.82
N LYS A 271 18.53 0.23 12.40
CA LYS A 271 18.95 0.30 10.99
C LYS A 271 19.28 -1.08 10.44
N PRO A 272 18.73 -1.43 9.26
CA PRO A 272 19.08 -2.74 8.74
C PRO A 272 20.50 -2.77 8.25
N SER A 273 21.09 -3.96 8.31
CA SER A 273 22.38 -4.15 7.67
C SER A 273 22.14 -4.72 6.31
N SER A 274 23.13 -4.57 5.45
CA SER A 274 22.95 -4.92 4.08
C SER A 274 24.28 -5.45 3.57
N ILE A 275 24.27 -6.57 2.85
CA ILE A 275 25.47 -7.07 2.15
C ILE A 275 25.15 -7.32 0.67
N TYR A 276 26.13 -7.11 -0.20
CA TYR A 276 25.81 -7.07 -1.62
C TYR A 276 26.50 -8.12 -2.46
N VAL A 277 25.74 -8.77 -3.31
CA VAL A 277 26.32 -9.79 -4.17
C VAL A 277 26.60 -9.32 -5.59
N SER A 278 27.83 -9.59 -6.03
CA SER A 278 28.19 -9.41 -7.40
C SER A 278 27.37 -10.40 -8.20
N LEU A 279 26.72 -9.91 -9.24
CA LEU A 279 25.83 -10.75 -10.03
C LEU A 279 26.62 -11.62 -10.99
N LEU A 280 26.21 -12.87 -11.11
CA LEU A 280 26.76 -13.77 -12.09
C LEU A 280 26.53 -13.16 -13.48
N PRO A 281 27.59 -13.11 -14.30
CA PRO A 281 27.46 -12.59 -15.68
C PRO A 281 26.82 -13.60 -16.60
N ASP A 282 26.39 -13.19 -17.79
CA ASP A 282 25.97 -14.17 -18.77
C ASP A 282 27.23 -14.90 -19.26
N LEU A 283 27.10 -15.89 -20.15
CA LEU A 283 28.26 -16.70 -20.55
C LEU A 283 29.31 -15.94 -21.38
N LYS A 284 28.92 -14.81 -21.96
CA LYS A 284 29.85 -13.96 -22.68
C LYS A 284 30.55 -13.03 -21.66
N GLY A 285 30.19 -13.16 -20.40
CA GLY A 285 30.53 -12.16 -19.41
C GLY A 285 29.60 -11.00 -19.67
N VAL A 286 29.84 -9.87 -18.99
CA VAL A 286 29.15 -8.60 -19.35
C VAL A 286 27.85 -8.34 -18.60
N ASN A 287 26.73 -8.90 -19.08
CA ASN A 287 25.39 -8.56 -18.57
C ASN A 287 25.10 -9.11 -17.16
N ARG A 288 25.79 -8.58 -16.16
CA ARG A 288 25.55 -8.91 -14.76
C ARG A 288 24.19 -8.39 -14.25
N LYS A 289 23.24 -8.23 -15.18
CA LYS A 289 21.85 -7.89 -14.86
C LYS A 289 21.08 -9.11 -14.28
N MET A 290 20.17 -8.86 -13.37
CA MET A 290 19.20 -9.88 -12.94
C MET A 290 18.28 -10.19 -14.13
N SER A 291 18.09 -9.19 -14.99
CA SER A 291 17.37 -9.33 -16.27
C SER A 291 18.20 -10.15 -17.25
N ALA A 292 17.53 -10.85 -18.15
CA ALA A 292 18.20 -11.76 -19.07
C ALA A 292 18.32 -11.18 -20.49
N SER A 293 19.54 -11.24 -21.04
CA SER A 293 19.92 -10.54 -22.27
C SER A 293 19.58 -11.32 -23.55
N ASP A 294 20.49 -12.20 -23.94
CA ASP A 294 20.28 -13.22 -24.94
C ASP A 294 20.18 -14.55 -24.15
N PRO A 295 18.98 -15.15 -24.15
CA PRO A 295 18.72 -16.39 -23.41
C PRO A 295 19.76 -17.46 -23.70
N ASN A 296 20.26 -17.47 -24.94
CA ASN A 296 21.29 -18.43 -25.37
C ASN A 296 22.61 -18.36 -24.63
N SER A 297 22.89 -17.22 -24.03
CA SER A 297 24.09 -17.03 -23.27
C SER A 297 23.84 -17.01 -21.77
N SER A 298 22.66 -17.44 -21.34
CA SER A 298 22.41 -17.65 -19.92
C SER A 298 22.01 -19.10 -19.70
N ILE A 299 22.32 -19.62 -18.53
CA ILE A 299 21.84 -20.93 -18.12
C ILE A 299 20.57 -20.81 -17.29
N TYR A 300 19.50 -21.43 -17.77
CA TYR A 300 18.20 -21.39 -17.10
C TYR A 300 17.93 -22.58 -16.20
N LEU A 301 17.12 -22.34 -15.16
CA LEU A 301 16.75 -23.39 -14.25
C LEU A 301 15.89 -24.50 -14.88
N ASP A 302 15.47 -24.31 -16.13
CA ASP A 302 14.79 -25.39 -16.86
C ASP A 302 15.52 -25.87 -18.12
N ASP A 303 16.81 -25.56 -18.23
CA ASP A 303 17.59 -26.10 -19.33
C ASP A 303 17.87 -27.58 -19.12
N ALA A 304 17.74 -28.36 -20.19
CA ALA A 304 18.13 -29.76 -20.18
C ALA A 304 19.66 -29.85 -20.11
N GLN A 305 20.16 -30.99 -19.62
CA GLN A 305 21.59 -31.20 -19.44
C GLN A 305 22.41 -30.91 -20.69
N ASP A 306 21.95 -31.39 -21.84
CA ASP A 306 22.61 -31.15 -23.13
C ASP A 306 22.61 -29.68 -23.53
N THR A 307 21.53 -28.98 -23.17
CA THR A 307 21.47 -27.55 -23.42
C THR A 307 22.55 -26.84 -22.59
N ILE A 308 22.67 -27.24 -21.33
CA ILE A 308 23.71 -26.69 -20.46
C ILE A 308 25.09 -26.88 -21.09
N ARG A 309 25.37 -28.09 -21.57
CA ARG A 309 26.63 -28.37 -22.25
C ARG A 309 26.77 -27.55 -23.53
N LYS A 310 25.75 -27.56 -24.38
CA LYS A 310 25.81 -26.87 -25.66
C LYS A 310 26.10 -25.38 -25.40
N LYS A 311 25.29 -24.80 -24.53
CA LYS A 311 25.36 -23.37 -24.21
C LYS A 311 26.77 -22.97 -23.73
N ILE A 312 27.31 -23.73 -22.77
CA ILE A 312 28.60 -23.42 -22.18
C ILE A 312 29.74 -23.60 -23.17
N ILE A 313 29.77 -24.74 -23.86
CA ILE A 313 30.83 -25.01 -24.82
C ILE A 313 30.80 -24.04 -26.00
N ALA A 314 29.60 -23.68 -26.45
CA ALA A 314 29.47 -22.82 -27.62
C ALA A 314 29.73 -21.35 -27.33
N TYR A 315 29.25 -20.84 -26.19
CA TYR A 315 29.24 -19.38 -25.97
C TYR A 315 30.08 -18.83 -24.81
N ALA A 316 30.56 -19.70 -23.94
CA ALA A 316 31.29 -19.22 -22.78
C ALA A 316 32.63 -18.63 -23.22
N TYR A 317 32.83 -17.35 -22.92
CA TYR A 317 34.06 -16.67 -23.30
C TYR A 317 35.19 -17.18 -22.41
N SER A 318 36.31 -17.44 -23.06
CA SER A 318 37.44 -18.08 -22.40
C SER A 318 38.63 -17.13 -22.23
N GLY A 319 39.36 -17.31 -21.12
CA GLY A 319 40.60 -16.57 -20.86
C GLY A 319 41.81 -17.05 -21.66
N GLY A 320 41.73 -18.29 -22.15
CA GLY A 320 42.81 -18.93 -22.92
C GLY A 320 43.57 -18.04 -23.91
N ARG A 321 44.88 -18.21 -23.98
CA ARG A 321 45.68 -17.55 -25.00
C ARG A 321 45.57 -18.28 -26.37
N LYS A 322 45.91 -17.57 -27.46
CA LYS A 322 45.85 -18.11 -28.83
C LYS A 322 46.44 -19.51 -28.99
N THR A 323 47.66 -19.73 -28.46
CA THR A 323 48.39 -21.03 -28.49
C THR A 323 47.73 -22.10 -27.58
N GLY A 331 50.54 -18.48 -19.46
CA GLY A 331 49.49 -19.30 -18.87
C GLY A 331 48.11 -18.88 -19.32
N GLY A 332 47.07 -19.35 -18.64
CA GLY A 332 45.69 -18.94 -18.90
C GLY A 332 45.38 -17.62 -18.20
N ASP A 333 44.46 -16.84 -18.76
CA ASP A 333 44.10 -15.53 -18.22
C ASP A 333 42.86 -15.63 -17.31
N ILE A 334 43.09 -15.97 -16.06
CA ILE A 334 42.00 -16.27 -15.14
C ILE A 334 40.95 -15.14 -15.05
N ASP A 335 41.43 -13.89 -15.21
CA ASP A 335 40.65 -12.67 -14.96
C ASP A 335 39.45 -12.46 -15.90
N VAL A 336 39.52 -13.05 -17.09
CA VAL A 336 38.42 -12.95 -18.04
C VAL A 336 37.69 -14.27 -18.29
N ASP A 337 38.18 -15.34 -17.69
CA ASP A 337 37.64 -16.65 -18.00
C ASP A 337 36.28 -16.89 -17.36
N VAL A 338 35.26 -16.90 -18.21
CA VAL A 338 33.87 -17.04 -17.77
C VAL A 338 33.58 -18.39 -17.12
N PRO A 339 34.12 -19.50 -17.68
CA PRO A 339 33.93 -20.80 -17.02
C PRO A 339 34.48 -20.83 -15.60
N PHE A 340 35.67 -20.27 -15.40
CA PHE A 340 36.18 -20.18 -14.06
C PHE A 340 35.32 -19.30 -13.15
N GLU A 341 34.79 -18.21 -13.69
CA GLU A 341 33.95 -17.31 -12.90
C GLU A 341 32.70 -18.04 -12.40
N TYR A 342 32.00 -18.73 -13.31
CA TYR A 342 30.92 -19.66 -12.96
C TYR A 342 31.28 -20.64 -11.85
N LEU A 343 32.46 -21.23 -11.92
CA LEU A 343 32.92 -22.12 -10.86
C LEU A 343 33.03 -21.37 -9.54
N LYS A 344 33.43 -20.10 -9.61
CA LYS A 344 33.70 -19.29 -8.45
C LYS A 344 32.37 -19.20 -7.71
N TYR A 345 31.32 -19.15 -8.49
CA TYR A 345 29.97 -19.02 -7.99
C TYR A 345 29.36 -20.33 -7.51
N PHE A 346 29.77 -21.45 -8.13
CA PHE A 346 28.97 -22.69 -8.06
C PHE A 346 29.71 -23.93 -7.59
N LEU A 347 31.04 -23.89 -7.65
CA LEU A 347 31.83 -25.01 -7.14
C LEU A 347 31.97 -24.97 -5.63
N ASP A 348 31.13 -25.73 -4.94
CA ASP A 348 31.11 -25.78 -3.46
C ASP A 348 32.38 -26.30 -2.78
N ASP A 349 33.45 -26.54 -3.55
CA ASP A 349 34.68 -27.11 -3.00
C ASP A 349 35.89 -26.24 -3.29
N ASP A 350 36.51 -25.74 -2.21
CA ASP A 350 37.60 -24.77 -2.30
C ASP A 350 38.86 -25.29 -2.94
N GLN A 351 39.27 -26.49 -2.57
CA GLN A 351 40.50 -27.05 -3.07
C GLN A 351 40.39 -27.34 -4.57
N GLU A 352 39.29 -27.93 -5.00
CA GLU A 352 39.08 -28.13 -6.44
C GLU A 352 39.07 -26.80 -7.23
N LEU A 353 38.44 -25.77 -6.70
CA LEU A 353 38.54 -24.44 -7.32
C LEU A 353 39.98 -23.97 -7.42
N GLU A 354 40.73 -24.08 -6.33
CA GLU A 354 42.13 -23.64 -6.30
C GLU A 354 42.97 -24.40 -7.34
N LYS A 355 42.70 -25.70 -7.46
CA LYS A 355 43.39 -26.59 -8.38
C LYS A 355 43.17 -26.13 -9.83
N TYR A 356 41.93 -25.80 -10.20
CA TYR A 356 41.62 -25.22 -11.52
C TYR A 356 42.22 -23.84 -11.75
N ARG A 357 42.29 -23.04 -10.69
CA ARG A 357 42.82 -21.69 -10.75
C ARG A 357 44.32 -21.74 -10.98
N SER A 358 45.01 -22.44 -10.07
CA SER A 358 46.42 -22.73 -10.17
C SER A 358 46.80 -23.28 -11.52
N GLY A 359 46.23 -24.43 -11.85
CA GLY A 359 46.50 -25.10 -13.10
C GLY A 359 46.31 -24.17 -14.29
N TYR A 360 45.27 -23.34 -14.22
CA TYR A 360 44.99 -22.42 -15.30
C TYR A 360 46.06 -21.34 -15.40
N ILE A 361 46.41 -20.74 -14.27
CA ILE A 361 47.37 -19.64 -14.29
C ILE A 361 48.73 -20.09 -14.84
N LYS A 362 49.12 -21.34 -14.57
CA LYS A 362 50.36 -21.88 -15.11
C LYS A 362 50.21 -22.78 -16.36
N GLY A 363 49.11 -22.62 -17.09
CA GLY A 363 48.96 -23.28 -18.41
C GLY A 363 48.92 -24.80 -18.37
N GLU A 364 48.79 -25.35 -17.16
CA GLU A 364 48.67 -26.79 -16.95
C GLU A 364 47.30 -27.34 -17.33
N ILE A 365 46.29 -26.46 -17.25
CA ILE A 365 44.92 -26.78 -17.63
C ILE A 365 44.49 -25.96 -18.86
N THR A 366 43.81 -26.64 -19.79
CA THR A 366 43.29 -26.02 -21.01
C THR A 366 41.94 -25.37 -20.80
N SER A 367 41.64 -24.41 -21.66
CA SER A 367 40.32 -23.82 -21.72
C SER A 367 39.19 -24.85 -21.97
N LYS A 368 39.42 -25.80 -22.88
CA LYS A 368 38.45 -26.89 -23.09
C LYS A 368 38.14 -27.57 -21.75
N GLU A 369 39.20 -27.83 -20.97
CA GLU A 369 39.07 -28.53 -19.70
C GLU A 369 38.33 -27.71 -18.66
N MET A 370 38.61 -26.40 -18.62
CA MET A 370 37.94 -25.49 -17.69
C MET A 370 36.45 -25.48 -17.99
N LYS A 371 36.11 -25.21 -19.26
CA LYS A 371 34.74 -25.29 -19.75
C LYS A 371 34.14 -26.61 -19.29
N GLU A 372 34.86 -27.71 -19.57
CA GLU A 372 34.35 -29.02 -19.23
C GLU A 372 33.89 -29.10 -17.77
N LYS A 373 34.76 -28.71 -16.84
CA LYS A 373 34.46 -28.76 -15.41
C LYS A 373 33.31 -27.84 -15.10
N CYS A 374 33.31 -26.67 -15.74
CA CYS A 374 32.20 -25.72 -15.63
C CYS A 374 30.89 -26.38 -16.06
N VAL A 375 30.85 -27.06 -17.21
CA VAL A 375 29.67 -27.83 -17.62
C VAL A 375 29.16 -28.76 -16.51
N VAL A 376 30.02 -29.64 -15.98
CA VAL A 376 29.63 -30.64 -14.97
C VAL A 376 29.05 -30.01 -13.70
N VAL A 377 29.64 -28.91 -13.27
CA VAL A 377 29.20 -28.18 -12.10
C VAL A 377 27.81 -27.56 -12.30
N ILE A 378 27.68 -26.75 -13.36
CA ILE A 378 26.37 -26.16 -13.73
C ILE A 378 25.33 -27.25 -13.94
N GLN A 379 25.75 -28.34 -14.56
CA GLN A 379 24.83 -29.42 -14.88
C GLN A 379 24.25 -30.07 -13.64
N GLU A 380 25.12 -30.32 -12.68
CA GLU A 380 24.74 -30.96 -11.45
C GLU A 380 23.84 -30.02 -10.65
N PHE A 381 24.24 -28.74 -10.60
CA PHE A 381 23.44 -27.73 -9.90
C PHE A 381 22.01 -27.64 -10.46
N VAL A 382 21.88 -27.59 -11.78
CA VAL A 382 20.56 -27.46 -12.39
C VAL A 382 19.73 -28.71 -12.16
N SER A 383 20.34 -29.89 -12.38
CA SER A 383 19.69 -31.19 -12.14
C SER A 383 19.21 -31.41 -10.67
N ARG A 384 20.07 -31.10 -9.70
CA ARG A 384 19.66 -31.17 -8.28
C ARG A 384 18.47 -30.23 -8.01
N TYR A 385 18.51 -29.04 -8.63
CA TYR A 385 17.43 -28.07 -8.54
C TYR A 385 16.12 -28.61 -9.11
N GLN A 386 16.19 -29.30 -10.25
CA GLN A 386 14.98 -29.73 -10.97
C GLN A 386 14.29 -30.92 -10.31
N GLU A 387 15.09 -31.89 -9.88
CA GLU A 387 14.56 -33.00 -9.09
C GLU A 387 14.01 -32.52 -7.75
N SER A 388 14.55 -31.43 -7.21
CA SER A 388 13.97 -30.83 -5.99
C SER A 388 12.64 -30.15 -6.24
N ARG A 389 12.51 -29.51 -7.41
CA ARG A 389 11.26 -28.81 -7.70
C ARG A 389 10.08 -29.79 -7.75
N LYS A 390 10.29 -30.92 -8.42
CA LYS A 390 9.30 -31.97 -8.52
C LYS A 390 8.77 -32.46 -7.17
N ARG A 391 9.66 -32.57 -6.19
CA ARG A 391 9.30 -33.07 -4.87
C ARG A 391 8.59 -32.04 -3.98
N VAL A 392 8.58 -30.77 -4.39
CA VAL A 392 7.87 -29.75 -3.58
C VAL A 392 6.35 -29.87 -3.70
N THR A 393 5.72 -30.28 -2.61
CA THR A 393 4.26 -30.45 -2.54
C THR A 393 3.65 -29.12 -2.12
N ASP A 394 2.32 -29.06 -2.09
CA ASP A 394 1.66 -27.81 -1.70
C ASP A 394 1.61 -27.70 -0.19
N ASP A 395 1.70 -28.84 0.48
CA ASP A 395 1.90 -28.88 1.92
C ASP A 395 3.22 -28.22 2.34
N ASP A 396 4.30 -28.55 1.62
CA ASP A 396 5.62 -27.87 1.72
C ASP A 396 5.41 -26.37 1.60
N LEU A 397 4.70 -25.99 0.55
CA LEU A 397 4.43 -24.62 0.21
C LEU A 397 3.62 -23.91 1.29
N ARG A 398 2.50 -24.50 1.69
CA ARG A 398 1.58 -23.91 2.66
C ARG A 398 2.22 -23.62 4.00
N ALA A 399 3.16 -24.45 4.43
CA ALA A 399 3.98 -24.15 5.60
C ALA A 399 4.83 -22.86 5.46
N PHE A 400 5.32 -22.57 4.25
CA PHE A 400 6.20 -21.39 4.06
C PHE A 400 5.39 -20.11 3.96
N ILE A 401 4.14 -20.31 3.56
CA ILE A 401 3.17 -19.27 3.21
C ILE A 401 2.42 -18.74 4.43
N ASP A 402 2.34 -19.56 5.50
CA ASP A 402 1.47 -19.28 6.68
C ASP A 402 2.18 -18.53 7.78
N ILE A 403 1.71 -17.32 8.05
CA ILE A 403 2.31 -16.47 9.08
C ILE A 403 2.05 -17.06 10.48
N ASN A 404 1.03 -17.91 10.58
CA ASN A 404 0.64 -18.58 11.82
C ASN A 404 1.63 -19.64 12.33
N LYS A 405 2.53 -20.10 11.46
CA LYS A 405 3.51 -21.17 11.79
C LYS A 405 4.40 -20.88 13.00
N PHE A 406 4.77 -19.60 13.17
CA PHE A 406 5.74 -19.20 14.19
C PHE A 406 5.11 -19.03 15.58
N ASP B 45 -21.31 31.47 -2.69
CA ASP B 45 -21.86 31.40 -4.09
C ASP B 45 -21.78 30.00 -4.70
N TYR B 46 -22.95 29.40 -4.87
CA TYR B 46 -23.00 27.99 -5.18
C TYR B 46 -22.77 27.65 -6.65
N ASP B 47 -23.17 28.56 -7.53
CA ASP B 47 -22.89 28.40 -8.96
C ASP B 47 -21.39 28.49 -9.28
N LYS B 48 -20.67 29.32 -8.52
CA LYS B 48 -19.22 29.46 -8.70
C LYS B 48 -18.49 28.21 -8.20
N ILE B 49 -18.97 27.66 -7.09
CA ILE B 49 -18.44 26.40 -6.54
C ILE B 49 -18.66 25.24 -7.52
N ILE B 50 -19.81 25.22 -8.17
CA ILE B 50 -20.13 24.20 -9.18
C ILE B 50 -19.24 24.36 -10.42
N ASN B 51 -19.01 25.60 -10.82
CA ASN B 51 -18.10 25.92 -11.93
C ASN B 51 -16.66 25.52 -11.71
N GLN B 52 -16.17 25.71 -10.48
CA GLN B 52 -14.77 25.41 -10.13
C GLN B 52 -14.48 23.90 -10.16
N PHE B 53 -15.44 23.11 -9.69
CA PHE B 53 -15.30 21.65 -9.68
C PHE B 53 -15.79 21.01 -10.98
N GLY B 54 -16.74 21.67 -11.66
CA GLY B 54 -17.23 21.22 -12.96
C GLY B 54 -18.23 20.08 -12.86
N CYS B 55 -18.97 20.05 -11.75
CA CYS B 55 -20.06 19.10 -11.61
C CYS B 55 -21.37 19.75 -12.07
N GLU B 56 -22.50 19.05 -11.87
CA GLU B 56 -23.82 19.53 -12.34
C GLU B 56 -24.55 20.20 -11.21
N LYS B 57 -25.45 21.13 -11.54
CA LYS B 57 -26.28 21.82 -10.53
C LYS B 57 -27.45 20.92 -10.18
N PHE B 58 -27.76 20.80 -8.89
CA PHE B 58 -28.90 19.99 -8.52
C PHE B 58 -30.16 20.76 -8.84
N ASN B 59 -31.26 20.07 -9.07
CA ASN B 59 -32.52 20.74 -9.31
C ASN B 59 -33.68 19.93 -8.81
N GLN B 60 -34.84 20.57 -8.78
CA GLN B 60 -36.03 19.99 -8.18
C GLN B 60 -36.66 18.93 -9.04
N ALA B 61 -36.33 18.90 -10.33
CA ALA B 61 -36.79 17.80 -11.17
C ALA B 61 -36.21 16.49 -10.61
N LEU B 62 -34.94 16.53 -10.22
CA LEU B 62 -34.29 15.38 -9.57
C LEU B 62 -34.90 15.01 -8.21
N ALA B 63 -35.40 15.99 -7.47
CA ALA B 63 -36.11 15.70 -6.22
C ALA B 63 -37.47 15.02 -6.45
N ASP B 64 -38.23 15.53 -7.41
CA ASP B 64 -39.51 14.91 -7.80
C ASP B 64 -39.30 13.46 -8.17
N ARG B 65 -38.35 13.22 -9.09
CA ARG B 65 -38.01 11.85 -9.54
C ARG B 65 -37.76 10.93 -8.34
N LEU B 66 -36.97 11.41 -7.40
CA LEU B 66 -36.61 10.67 -6.20
C LEU B 66 -37.82 10.44 -5.27
N GLU B 67 -38.59 11.50 -5.05
CA GLU B 67 -39.90 11.37 -4.42
C GLU B 67 -40.80 10.35 -5.15
N LYS B 68 -40.96 10.47 -6.47
CA LYS B 68 -41.78 9.53 -7.25
C LYS B 68 -41.30 8.10 -7.01
N LEU B 69 -39.98 7.92 -7.10
CA LEU B 69 -39.38 6.59 -7.01
C LEU B 69 -39.42 6.01 -5.61
N SER B 70 -39.51 6.85 -4.60
CA SER B 70 -39.44 6.34 -3.23
C SER B 70 -40.82 6.22 -2.58
N GLY B 71 -41.86 6.63 -3.32
CA GLY B 71 -43.23 6.66 -2.80
C GLY B 71 -43.38 7.43 -1.50
N LYS B 72 -42.36 8.24 -1.17
CA LYS B 72 -42.37 9.10 0.01
C LYS B 72 -41.71 10.43 -0.37
N PRO B 73 -42.06 11.54 0.30
CA PRO B 73 -41.50 12.81 -0.11
C PRO B 73 -39.96 12.80 0.02
N ALA B 74 -39.26 13.37 -0.97
CA ALA B 74 -37.81 13.45 -0.94
C ALA B 74 -37.38 14.09 0.36
N HIS B 75 -36.31 13.56 0.96
CA HIS B 75 -35.74 14.16 2.16
C HIS B 75 -35.59 15.62 1.95
N TYR B 76 -35.84 16.42 2.99
CA TYR B 76 -35.82 17.87 2.83
C TYR B 76 -34.47 18.45 2.33
N PHE B 77 -33.35 17.71 2.51
CA PHE B 77 -32.03 18.18 2.01
C PHE B 77 -32.10 18.46 0.52
N PHE B 78 -32.85 17.65 -0.21
CA PHE B 78 -32.96 17.79 -1.63
C PHE B 78 -33.90 18.91 -1.99
N ARG B 79 -34.76 19.25 -1.02
CA ARG B 79 -35.77 20.26 -1.22
C ARG B 79 -35.28 21.64 -0.79
N ARG B 80 -34.33 21.71 0.14
CA ARG B 80 -33.91 23.00 0.65
C ARG B 80 -32.57 23.47 0.07
N GLY B 81 -32.10 22.84 -1.00
CA GLY B 81 -30.85 23.27 -1.61
C GLY B 81 -29.58 22.87 -0.85
N ILE B 82 -29.70 22.00 0.15
CA ILE B 82 -28.52 21.52 0.85
C ILE B 82 -27.75 20.55 -0.05
N VAL B 83 -28.49 19.70 -0.75
CA VAL B 83 -27.92 19.00 -1.89
C VAL B 83 -28.01 19.95 -3.07
N PHE B 84 -26.88 20.52 -3.46
CA PHE B 84 -26.87 21.54 -4.54
C PHE B 84 -26.20 21.07 -5.82
N ALA B 85 -25.47 19.97 -5.74
CA ALA B 85 -24.71 19.55 -6.89
C ALA B 85 -24.58 18.05 -6.96
N HIS B 86 -24.20 17.57 -8.15
CA HIS B 86 -24.12 16.16 -8.40
C HIS B 86 -23.34 15.83 -9.64
N ARG B 87 -23.02 14.54 -9.76
CA ARG B 87 -22.66 13.94 -11.01
C ARG B 87 -23.52 12.69 -11.16
N ASP B 88 -24.32 12.72 -12.25
CA ASP B 88 -25.04 11.54 -12.75
C ASP B 88 -26.09 10.97 -11.79
N PHE B 89 -26.74 11.84 -11.02
CA PHE B 89 -27.77 11.39 -10.13
C PHE B 89 -28.95 10.87 -10.91
N ASN B 90 -29.22 11.50 -12.05
CA ASN B 90 -30.28 11.03 -12.93
C ASN B 90 -30.06 9.55 -13.25
N LEU B 91 -28.81 9.17 -13.43
CA LEU B 91 -28.44 7.81 -13.82
C LEU B 91 -28.58 6.84 -12.66
N LEU B 92 -28.36 7.34 -11.45
CA LEU B 92 -28.62 6.53 -10.30
C LEU B 92 -30.14 6.39 -10.08
N LEU B 93 -30.87 7.48 -10.36
CA LEU B 93 -32.32 7.46 -10.31
C LEU B 93 -32.88 6.51 -11.37
N ASP B 94 -32.27 6.50 -12.56
CA ASP B 94 -32.64 5.52 -13.61
C ASP B 94 -32.42 4.08 -13.11
N GLU B 95 -31.37 3.90 -12.31
CA GLU B 95 -31.05 2.59 -11.78
C GLU B 95 -32.19 2.15 -10.84
N ILE B 96 -32.65 3.08 -9.98
CA ILE B 96 -33.76 2.77 -9.10
C ILE B 96 -35.05 2.47 -9.89
N ALA B 97 -35.34 3.28 -10.93
CA ALA B 97 -36.52 3.05 -11.78
C ALA B 97 -36.53 1.69 -12.47
N ASN B 98 -35.33 1.19 -12.79
CA ASN B 98 -35.21 -0.13 -13.39
C ASN B 98 -35.12 -1.24 -12.35
N ASN B 99 -35.42 -0.90 -11.08
CA ASN B 99 -35.37 -1.83 -9.96
C ASN B 99 -34.07 -2.61 -9.79
N ARG B 100 -32.97 -2.03 -10.30
CA ARG B 100 -31.62 -2.52 -10.02
C ARG B 100 -31.11 -1.91 -8.71
N PRO B 101 -30.34 -2.68 -7.92
CA PRO B 101 -29.89 -2.12 -6.65
C PRO B 101 -28.66 -1.21 -6.84
N PHE B 102 -28.55 -0.19 -6.00
CA PHE B 102 -27.34 0.65 -5.93
C PHE B 102 -26.84 0.55 -4.48
N TYR B 103 -25.67 1.09 -4.17
CA TYR B 103 -25.22 1.09 -2.78
C TYR B 103 -24.60 2.44 -2.48
N LEU B 104 -24.60 2.80 -1.20
CA LEU B 104 -24.06 4.09 -0.81
C LEU B 104 -22.65 3.94 -0.32
N TYR B 105 -21.86 5.00 -0.48
CA TYR B 105 -20.50 5.04 0.00
C TYR B 105 -20.23 6.42 0.50
N THR B 106 -19.76 6.49 1.73
CA THR B 106 -19.29 7.78 2.24
C THR B 106 -18.11 7.60 3.18
N GLY B 107 -17.48 8.68 3.57
CA GLY B 107 -16.35 8.54 4.47
C GLY B 107 -16.25 9.61 5.52
N ARG B 108 -15.29 9.42 6.42
CA ARG B 108 -15.04 10.35 7.49
C ARG B 108 -13.55 10.28 7.78
N GLY B 109 -12.91 11.45 7.82
CA GLY B 109 -11.54 11.55 8.32
C GLY B 109 -11.46 11.92 9.80
N PRO B 110 -10.95 11.00 10.66
CA PRO B 110 -10.81 11.07 12.12
C PRO B 110 -10.61 12.47 12.72
N SER B 111 -9.36 12.90 12.94
CA SER B 111 -9.08 14.17 13.67
C SER B 111 -10.07 14.50 14.82
N SER B 112 -9.99 13.72 15.89
CA SER B 112 -10.98 13.82 16.95
C SER B 112 -10.75 14.85 18.06
N LYS B 113 -11.63 15.85 18.03
CA LYS B 113 -12.26 16.34 19.22
C LYS B 113 -13.61 15.58 19.20
N THR B 114 -14.61 16.04 19.94
CA THR B 114 -15.95 15.49 19.71
C THR B 114 -16.39 15.99 18.34
N MET B 115 -17.14 15.17 17.59
CA MET B 115 -17.72 15.64 16.33
C MET B 115 -18.83 16.68 16.56
N HIS B 116 -18.95 17.64 15.66
CA HIS B 116 -19.97 18.64 15.82
C HIS B 116 -21.10 18.32 14.90
N ILE B 117 -22.18 19.08 14.98
CA ILE B 117 -23.38 18.76 14.24
C ILE B 117 -23.23 18.88 12.72
N GLY B 118 -22.39 19.79 12.26
CA GLY B 118 -22.12 19.88 10.82
C GLY B 118 -21.64 18.55 10.26
N HIS B 119 -20.90 17.79 11.07
CA HIS B 119 -20.40 16.49 10.65
C HIS B 119 -21.46 15.45 10.37
N THR B 120 -22.67 15.64 10.86
CA THR B 120 -23.73 14.64 10.72
C THR B 120 -24.38 14.66 9.34
N ILE B 121 -24.28 15.79 8.66
CA ILE B 121 -25.04 16.04 7.45
C ILE B 121 -24.97 14.95 6.35
N PRO B 122 -23.76 14.57 5.88
CA PRO B 122 -23.80 13.53 4.81
C PRO B 122 -24.36 12.22 5.32
N PHE B 123 -24.06 11.93 6.59
CA PHE B 123 -24.51 10.71 7.24
C PHE B 123 -26.00 10.66 7.42
N LEU B 124 -26.62 11.78 7.73
CA LEU B 124 -28.09 11.85 7.76
C LEU B 124 -28.66 11.55 6.36
N LEU B 125 -28.00 12.10 5.34
CA LEU B 125 -28.41 11.89 3.98
C LEU B 125 -28.32 10.40 3.65
N CYS B 126 -27.26 9.74 4.12
CA CYS B 126 -27.14 8.29 3.95
C CYS B 126 -28.20 7.52 4.72
N LYS B 127 -28.51 7.95 5.96
CA LYS B 127 -29.53 7.25 6.75
C LYS B 127 -30.85 7.25 6.02
N TYR B 128 -31.23 8.41 5.46
CA TYR B 128 -32.52 8.55 4.81
C TYR B 128 -32.50 7.70 3.57
N MET B 129 -31.39 7.75 2.86
CA MET B 129 -31.28 7.03 1.63
C MET B 129 -31.33 5.53 1.86
N GLN B 130 -30.70 5.07 2.94
CA GLN B 130 -30.69 3.64 3.28
C GLN B 130 -32.09 3.20 3.66
N ASP B 131 -32.77 4.05 4.44
CA ASP B 131 -34.08 3.70 4.96
C ASP B 131 -35.14 3.79 3.88
N ALA B 132 -34.94 4.66 2.89
CA ALA B 132 -35.85 4.75 1.75
C ALA B 132 -35.78 3.54 0.81
N PHE B 133 -34.58 3.03 0.56
CA PHE B 133 -34.44 1.95 -0.41
C PHE B 133 -33.88 0.67 0.17
N LYS B 134 -33.76 0.62 1.50
CA LYS B 134 -33.24 -0.53 2.20
C LYS B 134 -32.03 -1.05 1.45
N ILE B 135 -31.04 -0.17 1.27
CA ILE B 135 -29.83 -0.54 0.54
C ILE B 135 -28.57 -0.47 1.38
N ARG B 136 -27.49 -1.05 0.85
CA ARG B 136 -26.25 -1.15 1.58
C ARG B 136 -25.44 0.15 1.56
N LEU B 137 -24.65 0.30 2.61
CA LEU B 137 -23.87 1.48 2.88
C LEU B 137 -22.48 1.06 3.32
N VAL B 138 -21.45 1.58 2.67
CA VAL B 138 -20.08 1.37 3.10
C VAL B 138 -19.50 2.70 3.57
N ILE B 139 -18.97 2.73 4.78
CA ILE B 139 -18.34 3.93 5.31
C ILE B 139 -16.84 3.72 5.53
N GLN B 140 -16.03 4.49 4.81
CA GLN B 140 -14.58 4.53 5.01
C GLN B 140 -14.16 5.52 6.09
N ILE B 141 -13.46 5.01 7.11
CA ILE B 141 -12.81 5.87 8.09
C ILE B 141 -11.35 6.05 7.70
N THR B 142 -10.95 7.28 7.33
CA THR B 142 -9.59 7.46 6.80
C THR B 142 -8.55 7.81 7.86
N ASP B 143 -8.34 6.85 8.76
CA ASP B 143 -7.29 6.95 9.76
C ASP B 143 -5.90 7.14 9.08
N ASP B 144 -5.72 6.49 7.93
CA ASP B 144 -4.47 6.62 7.20
C ASP B 144 -4.31 8.05 6.68
N GLU B 145 -5.35 8.57 5.99
CA GLU B 145 -5.29 9.92 5.45
C GLU B 145 -4.96 10.98 6.52
N LYS B 146 -5.64 10.91 7.66
CA LYS B 146 -5.37 11.84 8.77
C LYS B 146 -3.96 11.68 9.34
N PHE B 147 -3.49 10.44 9.42
CA PHE B 147 -2.10 10.20 9.82
C PHE B 147 -1.10 10.79 8.84
N LEU B 148 -1.36 10.62 7.54
CA LEU B 148 -0.42 11.03 6.50
C LEU B 148 -0.36 12.54 6.32
N TRP B 149 -1.43 13.21 6.73
CA TRP B 149 -1.59 14.65 6.53
C TRP B 149 -1.34 15.52 7.71
N LYS B 150 -1.70 15.06 8.91
CA LYS B 150 -1.57 15.85 10.14
C LYS B 150 -0.38 15.39 10.97
N SER B 151 0.10 16.24 11.86
CA SER B 151 1.20 15.86 12.75
C SER B 151 0.58 15.03 13.86
N MET B 152 0.71 13.72 13.74
CA MET B 152 -0.17 12.81 14.44
C MET B 152 0.50 11.45 14.51
N ARG B 153 0.49 10.82 15.69
CA ARG B 153 0.94 9.43 15.77
C ARG B 153 -0.16 8.52 15.19
N LEU B 154 0.23 7.50 14.45
CA LEU B 154 -0.75 6.59 13.84
C LEU B 154 -1.73 5.94 14.84
N GLU B 155 -1.24 5.54 16.01
CA GLU B 155 -2.08 4.86 16.99
C GLU B 155 -3.24 5.76 17.40
N ASP B 156 -2.94 7.06 17.48
CA ASP B 156 -3.95 8.07 17.82
C ASP B 156 -4.94 8.22 16.70
N ALA B 157 -4.46 8.41 15.47
CA ALA B 157 -5.36 8.51 14.32
C ALA B 157 -6.28 7.31 14.29
N MET B 158 -5.72 6.12 14.51
CA MET B 158 -6.53 4.92 14.57
C MET B 158 -7.49 4.92 15.76
N ALA B 159 -7.03 5.42 16.91
CA ALA B 159 -7.89 5.53 18.09
C ALA B 159 -9.07 6.49 17.86
N TYR B 160 -8.79 7.65 17.28
CA TYR B 160 -9.85 8.60 16.88
C TYR B 160 -10.81 7.95 15.88
N GLY B 161 -10.25 7.18 14.94
CA GLY B 161 -11.03 6.39 14.02
C GLY B 161 -12.14 5.61 14.70
N ARG B 162 -11.81 4.89 15.77
CA ARG B 162 -12.82 4.06 16.46
C ARG B 162 -13.95 4.88 17.12
N GLU B 163 -13.62 6.01 17.73
CA GLU B 163 -14.62 6.89 18.35
C GLU B 163 -15.54 7.47 17.29
N ASN B 164 -14.95 7.95 16.21
CA ASN B 164 -15.73 8.45 15.08
C ASN B 164 -16.73 7.42 14.59
N ILE B 165 -16.34 6.14 14.58
CA ILE B 165 -17.28 5.07 14.25
C ILE B 165 -18.42 4.97 15.27
N LYS B 166 -18.07 5.02 16.56
CA LYS B 166 -19.10 4.97 17.62
C LYS B 166 -20.05 6.13 17.41
N ASP B 167 -19.48 7.30 17.11
CA ASP B 167 -20.26 8.52 16.88
C ASP B 167 -21.14 8.35 15.66
N ILE B 168 -20.61 7.71 14.61
CA ILE B 168 -21.34 7.54 13.35
C ILE B 168 -22.45 6.50 13.49
N VAL B 169 -22.18 5.41 14.21
CA VAL B 169 -23.15 4.34 14.43
C VAL B 169 -24.36 4.85 15.19
N THR B 170 -24.13 5.93 15.94
CA THR B 170 -25.18 6.55 16.74
C THR B 170 -26.42 6.96 15.95
N LEU B 171 -26.21 7.34 14.70
CA LEU B 171 -27.29 7.87 13.87
C LEU B 171 -28.26 6.76 13.45
N GLY B 172 -27.91 5.52 13.77
CA GLY B 172 -28.81 4.40 13.63
C GLY B 172 -28.91 3.92 12.19
N PHE B 173 -27.81 3.38 11.68
CA PHE B 173 -27.81 2.71 10.40
C PHE B 173 -28.14 1.25 10.67
N ASP B 174 -28.54 0.53 9.64
CA ASP B 174 -28.86 -0.88 9.76
C ASP B 174 -27.57 -1.71 9.78
N PRO B 175 -27.31 -2.43 10.88
CA PRO B 175 -26.06 -3.20 10.96
C PRO B 175 -25.95 -4.26 9.86
N LYS B 176 -27.08 -4.84 9.46
CA LYS B 176 -27.08 -5.85 8.40
C LYS B 176 -26.88 -5.24 6.99
N LEU B 177 -27.00 -3.92 6.87
CA LEU B 177 -26.81 -3.25 5.60
C LEU B 177 -25.64 -2.26 5.58
N THR B 178 -24.88 -2.17 6.68
CA THR B 178 -23.84 -1.17 6.79
C THR B 178 -22.51 -1.80 7.16
N TYR B 179 -21.48 -1.41 6.41
CA TYR B 179 -20.14 -1.84 6.65
C TYR B 179 -19.32 -0.57 6.85
N ILE B 180 -18.76 -0.43 8.05
CA ILE B 180 -17.92 0.69 8.37
C ILE B 180 -16.56 0.11 8.64
N PHE B 181 -15.51 0.75 8.11
CA PHE B 181 -14.21 0.15 8.22
C PHE B 181 -13.11 1.20 8.37
N SER B 182 -12.05 0.81 9.11
CA SER B 182 -10.85 1.59 9.17
C SER B 182 -10.04 1.24 7.93
N ASN B 183 -9.44 2.24 7.28
CA ASN B 183 -8.51 1.96 6.20
C ASN B 183 -7.25 1.21 6.58
N VAL B 184 -6.63 1.62 7.67
CA VAL B 184 -5.43 0.97 8.13
C VAL B 184 -5.71 -0.52 8.31
N GLU B 185 -6.77 -0.81 9.06
CA GLU B 185 -7.14 -2.15 9.42
C GLU B 185 -7.76 -2.94 8.28
N ALA B 186 -8.55 -2.29 7.41
CA ALA B 186 -9.42 -3.06 6.50
C ALA B 186 -9.41 -2.73 5.00
N SER B 187 -8.66 -1.73 4.56
CA SER B 187 -8.63 -1.44 3.12
C SER B 187 -7.91 -2.51 2.30
N HIS B 188 -7.19 -3.40 2.98
CA HIS B 188 -6.54 -4.52 2.30
C HIS B 188 -7.47 -5.55 1.73
N HIS B 189 -8.70 -5.66 2.27
CA HIS B 189 -9.75 -6.50 1.66
C HIS B 189 -10.06 -6.13 0.22
N PHE B 190 -9.85 -4.87 -0.17
CA PHE B 190 -9.95 -4.46 -1.58
C PHE B 190 -8.62 -3.98 -2.15
N GLU B 191 -7.56 -4.64 -1.70
CA GLU B 191 -6.18 -4.31 -2.10
C GLU B 191 -6.02 -4.37 -3.62
N GLU B 192 -6.68 -5.35 -4.23
CA GLU B 192 -6.51 -5.59 -5.66
C GLU B 192 -7.01 -4.39 -6.42
N ASN B 193 -8.14 -3.87 -5.94
CA ASN B 193 -8.72 -2.66 -6.50
C ASN B 193 -7.85 -1.43 -6.34
N ILE B 194 -7.32 -1.25 -5.13
CA ILE B 194 -6.35 -0.20 -4.85
C ILE B 194 -5.20 -0.20 -5.84
N LEU B 195 -4.62 -1.38 -6.08
CA LEU B 195 -3.51 -1.49 -7.04
C LEU B 195 -3.96 -1.08 -8.42
N LYS B 196 -5.11 -1.64 -8.82
CA LYS B 196 -5.64 -1.42 -10.15
C LYS B 196 -5.93 0.04 -10.35
N ILE B 197 -6.57 0.67 -9.37
CA ILE B 197 -6.81 2.11 -9.43
C ILE B 197 -5.50 2.88 -9.52
N SER B 198 -4.55 2.53 -8.65
CA SER B 198 -3.23 3.17 -8.57
C SER B 198 -2.46 3.12 -9.87
N LYS B 199 -2.62 2.03 -10.61
CA LYS B 199 -1.90 1.89 -11.87
C LYS B 199 -2.47 2.84 -12.91
N THR B 200 -3.78 3.08 -12.88
CA THR B 200 -4.37 3.94 -13.91
C THR B 200 -4.08 5.44 -13.68
N ILE B 201 -3.53 5.81 -12.53
CA ILE B 201 -3.34 7.24 -12.21
C ILE B 201 -1.91 7.67 -12.14
N ASN B 202 -1.46 8.43 -13.14
CA ASN B 202 -0.11 8.92 -13.12
C ASN B 202 0.06 10.19 -12.29
N LEU B 203 1.30 10.41 -11.88
CA LEU B 203 1.68 11.52 -11.01
C LEU B 203 1.21 12.84 -11.56
N ASN B 204 1.33 12.98 -12.88
CA ASN B 204 0.80 14.12 -13.61
C ASN B 204 -0.62 14.44 -13.20
N GLU B 205 -1.48 13.44 -13.33
CA GLU B 205 -2.88 13.55 -12.94
C GLU B 205 -3.02 13.82 -11.46
N ALA B 206 -2.29 13.06 -10.67
CA ALA B 206 -2.39 13.13 -9.20
C ALA B 206 -2.13 14.54 -8.71
N ILE B 207 -1.11 15.16 -9.31
CA ILE B 207 -0.69 16.50 -8.92
C ILE B 207 -1.76 17.45 -9.36
N LYS B 208 -2.15 17.39 -10.65
CA LYS B 208 -3.07 18.39 -11.20
C LYS B 208 -4.36 18.36 -10.39
N VAL B 209 -4.87 17.16 -10.12
CA VAL B 209 -6.17 16.98 -9.47
C VAL B 209 -6.09 17.27 -7.98
N PHE B 210 -4.96 16.96 -7.35
CA PHE B 210 -4.93 17.05 -5.88
C PHE B 210 -4.05 18.16 -5.31
N GLY B 211 -3.18 18.73 -6.14
CA GLY B 211 -2.30 19.83 -5.71
C GLY B 211 -1.08 19.37 -4.89
N PHE B 212 -0.71 18.09 -5.06
CA PHE B 212 0.50 17.54 -4.46
C PHE B 212 1.67 18.33 -4.99
N ASP B 213 2.76 18.33 -4.25
CA ASP B 213 3.99 18.89 -4.77
C ASP B 213 5.22 18.10 -4.33
N MET B 214 6.38 18.66 -4.57
CA MET B 214 7.61 18.00 -4.25
C MET B 214 7.76 17.67 -2.77
N SER B 215 7.00 18.34 -1.92
CA SER B 215 7.06 18.04 -0.49
C SER B 215 5.90 17.15 0.03
N SER B 216 5.00 16.74 -0.85
CA SER B 216 3.98 15.74 -0.46
C SER B 216 4.67 14.37 -0.19
N ASN B 217 4.25 13.67 0.86
CA ASN B 217 4.84 12.35 1.13
C ASN B 217 4.24 11.28 0.20
N ILE B 218 5.03 10.26 -0.16
CA ILE B 218 4.55 9.19 -1.04
C ILE B 218 3.30 8.42 -0.54
N GLY B 219 2.93 8.59 0.71
CA GLY B 219 1.66 8.03 1.16
C GLY B 219 0.52 8.89 0.67
N GLN B 220 0.59 10.19 0.95
CA GLN B 220 -0.40 11.15 0.46
C GLN B 220 -0.67 10.95 -1.02
N VAL B 221 0.41 10.80 -1.79
CA VAL B 221 0.32 10.62 -3.22
C VAL B 221 -0.42 9.35 -3.61
N GLY B 222 -0.24 8.29 -2.82
CA GLY B 222 -0.87 7.03 -3.15
C GLY B 222 -2.29 6.95 -2.62
N PHE B 223 -2.62 7.83 -1.68
CA PHE B 223 -3.86 7.71 -0.95
C PHE B 223 -5.13 7.78 -1.81
N PRO B 224 -5.15 8.64 -2.85
CA PRO B 224 -6.42 8.73 -3.59
C PRO B 224 -6.97 7.40 -4.15
N ALA B 225 -6.12 6.41 -4.39
CA ALA B 225 -6.62 5.13 -4.86
C ALA B 225 -7.45 4.45 -3.77
N LYS B 226 -7.08 4.69 -2.52
CA LYS B 226 -7.81 4.11 -1.40
C LYS B 226 -9.13 4.85 -1.18
N GLU B 227 -9.21 6.12 -1.54
CA GLU B 227 -10.50 6.81 -1.46
C GLU B 227 -11.40 6.42 -2.64
N ILE B 228 -10.80 6.12 -3.78
CA ILE B 228 -11.57 5.81 -4.98
C ILE B 228 -12.13 4.38 -4.98
N ALA B 229 -11.35 3.41 -4.53
CA ALA B 229 -11.75 2.00 -4.58
C ALA B 229 -13.17 1.70 -4.07
N PRO B 230 -13.58 2.32 -2.96
CA PRO B 230 -14.89 1.89 -2.50
C PRO B 230 -16.03 2.33 -3.42
N CYS B 231 -15.72 3.15 -4.41
CA CYS B 231 -16.66 3.58 -5.46
C CYS B 231 -17.10 2.44 -6.37
N PHE B 232 -16.50 1.27 -6.23
CA PHE B 232 -16.78 0.18 -7.16
C PHE B 232 -17.26 -1.04 -6.41
N SER B 233 -18.28 -1.70 -6.95
CA SER B 233 -18.94 -2.79 -6.24
C SER B 233 -17.95 -3.93 -5.97
N SER B 234 -17.00 -4.12 -6.88
CA SER B 234 -16.02 -5.20 -6.78
C SER B 234 -15.12 -5.07 -5.54
N SER B 235 -15.19 -3.93 -4.87
CA SER B 235 -14.40 -3.68 -3.66
C SER B 235 -14.90 -4.44 -2.42
N PHE B 236 -16.14 -4.88 -2.46
CA PHE B 236 -16.75 -5.50 -1.29
C PHE B 236 -17.46 -6.82 -1.66
N ARG B 237 -17.15 -7.89 -0.92
CA ARG B 237 -17.74 -9.21 -1.21
C ARG B 237 -19.27 -9.16 -1.08
N PHE B 238 -19.76 -8.29 -0.20
CA PHE B 238 -21.16 -8.31 0.21
C PHE B 238 -22.10 -7.51 -0.70
N ILE B 239 -21.57 -7.05 -1.83
CA ILE B 239 -22.32 -6.21 -2.78
C ILE B 239 -22.43 -6.85 -4.16
N GLY B 240 -23.64 -6.85 -4.71
CA GLY B 240 -23.91 -7.31 -6.08
C GLY B 240 -22.90 -6.89 -7.12
N LYS B 241 -22.74 -7.72 -8.15
CA LYS B 241 -21.56 -7.67 -9.05
C LYS B 241 -21.34 -6.37 -9.83
N GLY B 242 -22.40 -5.63 -10.12
CA GLY B 242 -22.25 -4.37 -10.85
C GLY B 242 -23.15 -3.26 -10.32
N ALA B 243 -23.39 -3.28 -9.02
CA ALA B 243 -24.22 -2.27 -8.39
C ALA B 243 -23.61 -0.89 -8.60
N MET B 244 -24.45 0.09 -8.91
CA MET B 244 -24.00 1.45 -9.06
C MET B 244 -23.71 2.00 -7.68
N CYS B 245 -22.67 2.83 -7.59
CA CYS B 245 -22.37 3.49 -6.35
C CYS B 245 -22.96 4.89 -6.38
N LEU B 246 -23.53 5.31 -5.25
CA LEU B 246 -23.87 6.70 -5.00
C LEU B 246 -23.07 7.24 -3.81
N VAL B 247 -22.35 8.34 -4.07
CA VAL B 247 -21.44 8.92 -3.08
C VAL B 247 -21.91 10.30 -2.61
N PRO B 248 -22.55 10.36 -1.44
CA PRO B 248 -22.85 11.65 -0.83
C PRO B 248 -21.61 12.17 -0.12
N ALA B 249 -21.22 13.40 -0.43
CA ALA B 249 -20.00 13.99 0.10
C ALA B 249 -20.06 15.51 0.13
N ALA B 250 -19.31 16.13 1.03
CA ALA B 250 -18.96 17.53 0.86
C ALA B 250 -18.49 17.73 -0.59
N VAL B 251 -18.82 18.87 -1.19
CA VAL B 251 -18.42 19.15 -2.57
C VAL B 251 -16.92 18.98 -2.72
N ASP B 252 -16.21 19.25 -1.64
CA ASP B 252 -14.78 19.30 -1.71
C ASP B 252 -14.15 17.91 -1.88
N GLN B 253 -14.96 16.87 -2.01
CA GLN B 253 -14.43 15.52 -2.21
C GLN B 253 -14.47 15.16 -3.67
N ASP B 254 -15.13 16.03 -4.42
CA ASP B 254 -15.35 15.87 -5.85
C ASP B 254 -14.15 15.36 -6.64
N PRO B 255 -12.97 16.03 -6.56
CA PRO B 255 -11.84 15.57 -7.39
C PRO B 255 -11.59 14.06 -7.32
N PHE B 256 -11.74 13.44 -6.15
CA PHE B 256 -11.61 11.96 -6.06
C PHE B 256 -12.58 11.33 -7.05
N PHE B 257 -13.75 11.95 -7.20
CA PHE B 257 -14.85 11.29 -7.85
C PHE B 257 -14.95 11.59 -9.33
N ARG B 258 -14.65 12.81 -9.75
CA ARG B 258 -14.42 13.08 -11.17
C ARG B 258 -13.41 12.05 -11.63
N LEU B 259 -12.32 11.91 -10.86
CA LEU B 259 -11.21 11.00 -11.21
C LEU B 259 -11.61 9.52 -11.25
N ALA B 260 -12.29 9.06 -10.20
CA ALA B 260 -12.88 7.72 -10.15
C ALA B 260 -13.75 7.44 -11.38
N ARG B 261 -14.54 8.45 -11.76
CA ARG B 261 -15.42 8.37 -12.91
C ARG B 261 -14.64 8.27 -14.21
N ASP B 262 -13.49 8.95 -14.28
CA ASP B 262 -12.65 8.92 -15.48
C ASP B 262 -11.96 7.57 -15.65
N LYS B 263 -11.78 6.86 -14.56
CA LYS B 263 -11.00 5.63 -14.61
C LYS B 263 -11.89 4.39 -14.66
N ALA B 264 -13.19 4.61 -14.36
CA ALA B 264 -14.16 3.52 -14.29
C ALA B 264 -14.09 2.63 -15.52
N LYS B 265 -14.19 3.23 -16.71
CA LYS B 265 -14.25 2.46 -17.95
C LYS B 265 -12.99 1.63 -18.09
N ALA B 266 -11.83 2.29 -18.07
CA ALA B 266 -10.55 1.57 -18.01
C ALA B 266 -10.50 0.42 -16.99
N LEU B 267 -11.22 0.54 -15.87
CA LEU B 267 -11.17 -0.52 -14.86
C LEU B 267 -12.27 -1.56 -15.05
N GLY B 268 -13.12 -1.34 -16.05
CA GLY B 268 -14.23 -2.22 -16.34
C GLY B 268 -15.37 -2.13 -15.33
N GLU B 269 -15.45 -1.02 -14.59
CA GLU B 269 -16.46 -0.86 -13.53
C GLU B 269 -17.47 0.18 -13.92
N LYS B 270 -18.62 0.19 -13.24
CA LYS B 270 -19.64 1.22 -13.40
C LYS B 270 -19.15 2.53 -12.79
N LYS B 271 -19.50 3.64 -13.44
CA LYS B 271 -19.19 4.98 -12.93
C LYS B 271 -20.03 5.21 -11.68
N PRO B 272 -19.38 5.65 -10.58
CA PRO B 272 -20.19 6.02 -9.43
C PRO B 272 -20.94 7.29 -9.75
N SER B 273 -22.02 7.50 -9.04
CA SER B 273 -22.70 8.76 -9.13
C SER B 273 -22.36 9.46 -7.82
N SER B 274 -22.54 10.77 -7.78
CA SER B 274 -22.28 11.51 -6.58
C SER B 274 -23.25 12.68 -6.43
N ILE B 275 -23.50 13.02 -5.15
CA ILE B 275 -24.34 14.16 -4.74
C ILE B 275 -23.60 14.99 -3.69
N TYR B 276 -23.74 16.30 -3.75
CA TYR B 276 -22.98 17.14 -2.83
C TYR B 276 -23.81 17.99 -1.86
N VAL B 277 -23.36 18.01 -0.61
CA VAL B 277 -24.03 18.74 0.46
C VAL B 277 -23.28 20.02 0.79
N SER B 278 -23.99 21.16 0.84
CA SER B 278 -23.39 22.40 1.40
C SER B 278 -22.94 22.12 2.84
N LEU B 279 -21.91 22.80 3.27
CA LEU B 279 -21.34 22.58 4.59
C LEU B 279 -22.08 23.50 5.57
N LEU B 280 -22.54 22.96 6.69
CA LEU B 280 -23.15 23.79 7.72
C LEU B 280 -22.08 24.73 8.26
N PRO B 281 -22.37 26.05 8.32
CA PRO B 281 -21.42 27.01 8.87
C PRO B 281 -21.34 26.92 10.39
N ASP B 282 -20.28 27.45 11.00
CA ASP B 282 -20.30 27.59 12.46
C ASP B 282 -21.29 28.70 12.80
N LEU B 283 -21.44 29.03 14.08
CA LEU B 283 -22.50 29.96 14.48
C LEU B 283 -22.21 31.39 14.08
N LYS B 284 -20.93 31.75 14.08
CA LYS B 284 -20.50 33.05 13.59
C LYS B 284 -20.86 33.15 12.11
N GLY B 285 -20.87 32.00 11.44
CA GLY B 285 -21.38 31.89 10.07
C GLY B 285 -20.30 31.65 9.05
N VAL B 286 -19.24 30.93 9.46
CA VAL B 286 -17.96 30.89 8.74
C VAL B 286 -17.61 29.58 8.02
N ASN B 287 -16.89 28.69 8.70
CA ASN B 287 -16.32 27.49 8.07
C ASN B 287 -17.32 26.36 7.86
N PRO B 295 -14.20 27.96 17.18
CA PRO B 295 -13.68 26.95 18.10
C PRO B 295 -14.73 26.55 19.15
N ASN B 296 -15.12 27.53 19.96
CA ASN B 296 -16.15 27.35 20.95
C ASN B 296 -17.52 27.72 20.36
N SER B 297 -17.54 28.14 19.09
CA SER B 297 -18.76 28.57 18.40
C SER B 297 -19.33 27.53 17.41
N SER B 298 -18.78 26.32 17.47
CA SER B 298 -19.40 25.17 16.86
C SER B 298 -20.33 24.51 17.88
N ILE B 299 -21.32 23.79 17.40
CA ILE B 299 -22.20 23.06 18.29
C ILE B 299 -21.84 21.59 18.26
N TYR B 300 -21.32 21.11 19.39
CA TYR B 300 -20.76 19.78 19.49
C TYR B 300 -21.78 18.72 19.93
N LEU B 301 -21.51 17.47 19.57
CA LEU B 301 -22.46 16.40 19.81
C LEU B 301 -22.50 15.99 21.30
N ASP B 302 -21.55 16.51 22.07
CA ASP B 302 -21.53 16.22 23.49
C ASP B 302 -21.73 17.48 24.31
N ASP B 303 -22.22 18.55 23.67
CA ASP B 303 -22.61 19.77 24.37
C ASP B 303 -23.87 19.54 25.16
N ALA B 304 -23.97 20.06 26.38
CA ALA B 304 -25.20 19.88 27.18
C ALA B 304 -26.31 20.81 26.67
N GLN B 305 -27.53 20.56 27.13
CA GLN B 305 -28.70 21.34 26.73
C GLN B 305 -28.52 22.83 26.97
N ASP B 306 -27.93 23.19 28.12
CA ASP B 306 -27.67 24.59 28.43
C ASP B 306 -26.48 25.17 27.64
N THR B 307 -25.44 24.36 27.41
CA THR B 307 -24.32 24.75 26.53
C THR B 307 -24.87 25.17 25.16
N ILE B 308 -25.83 24.40 24.64
CA ILE B 308 -26.47 24.73 23.37
C ILE B 308 -27.19 26.09 23.44
N ARG B 309 -28.09 26.30 24.40
CA ARG B 309 -28.82 27.57 24.49
C ARG B 309 -27.84 28.73 24.65
N LYS B 310 -26.75 28.50 25.37
CA LYS B 310 -25.70 29.53 25.51
C LYS B 310 -25.09 29.90 24.15
N LYS B 311 -24.54 28.90 23.46
CA LYS B 311 -23.79 29.13 22.23
C LYS B 311 -24.61 29.87 21.18
N ILE B 312 -25.87 29.46 21.02
CA ILE B 312 -26.75 30.12 20.05
C ILE B 312 -27.10 31.58 20.42
N ILE B 313 -27.52 31.82 21.66
CA ILE B 313 -27.89 33.18 22.11
C ILE B 313 -26.71 34.17 22.02
N ALA B 314 -25.52 33.68 22.38
CA ALA B 314 -24.27 34.44 22.35
C ALA B 314 -23.68 34.71 20.96
N TYR B 315 -23.46 33.65 20.18
CA TYR B 315 -22.66 33.74 18.94
C TYR B 315 -23.42 33.78 17.60
N ALA B 316 -24.69 33.39 17.58
CA ALA B 316 -25.40 33.26 16.30
C ALA B 316 -25.65 34.62 15.64
N TYR B 317 -25.10 34.81 14.43
CA TYR B 317 -25.27 36.05 13.69
C TYR B 317 -26.72 36.19 13.21
N SER B 318 -27.35 37.31 13.58
CA SER B 318 -28.77 37.58 13.25
C SER B 318 -28.90 38.57 12.08
N ASP B 333 -33.37 40.19 6.98
CA ASP B 333 -32.35 39.72 6.06
C ASP B 333 -32.10 38.26 6.37
N ILE B 334 -32.76 37.39 5.62
CA ILE B 334 -32.75 35.96 5.93
C ILE B 334 -31.62 35.17 5.25
N ASP B 335 -30.96 35.81 4.29
CA ASP B 335 -29.85 35.19 3.58
C ASP B 335 -28.59 35.13 4.45
N VAL B 336 -28.53 35.99 5.49
CA VAL B 336 -27.36 36.09 6.38
C VAL B 336 -27.63 35.45 7.76
N ASP B 337 -28.90 35.20 8.03
CA ASP B 337 -29.32 34.71 9.33
C ASP B 337 -28.96 33.25 9.54
N VAL B 338 -28.00 33.06 10.45
CA VAL B 338 -27.47 31.75 10.76
C VAL B 338 -28.54 30.86 11.45
N PRO B 339 -29.28 31.42 12.44
CA PRO B 339 -30.34 30.63 13.06
C PRO B 339 -31.35 30.05 12.07
N PHE B 340 -31.69 30.77 11.01
CA PHE B 340 -32.55 30.15 9.99
C PHE B 340 -31.81 29.04 9.25
N GLU B 341 -30.54 29.30 8.98
CA GLU B 341 -29.75 28.38 8.17
C GLU B 341 -29.63 27.04 8.92
N TYR B 342 -29.27 27.11 10.20
CA TYR B 342 -29.29 25.95 11.07
C TYR B 342 -30.64 25.22 11.03
N LEU B 343 -31.73 26.00 11.01
CA LEU B 343 -33.06 25.41 10.89
C LEU B 343 -33.25 24.69 9.55
N LYS B 344 -32.77 25.29 8.45
CA LYS B 344 -32.79 24.63 7.13
C LYS B 344 -32.28 23.19 7.23
N TYR B 345 -31.27 22.99 8.05
CA TYR B 345 -30.56 21.74 8.13
C TYR B 345 -31.19 20.75 9.10
N PHE B 346 -31.70 21.23 10.24
CA PHE B 346 -32.14 20.32 11.30
C PHE B 346 -33.65 20.21 11.60
N LEU B 347 -34.43 21.23 11.26
CA LEU B 347 -35.89 21.22 11.52
C LEU B 347 -36.65 20.37 10.50
N ASP B 348 -37.16 19.24 10.98
CA ASP B 348 -37.96 18.26 10.20
C ASP B 348 -39.19 18.78 9.45
N ASP B 349 -39.91 19.71 10.07
CA ASP B 349 -41.23 20.16 9.65
C ASP B 349 -41.18 21.31 8.64
N ASP B 350 -41.61 21.00 7.41
CA ASP B 350 -41.61 21.98 6.32
C ASP B 350 -42.61 23.11 6.53
N GLN B 351 -43.82 22.76 6.97
CA GLN B 351 -44.84 23.75 7.27
C GLN B 351 -44.33 24.70 8.36
N GLU B 352 -43.69 24.13 9.37
CA GLU B 352 -43.11 24.89 10.49
C GLU B 352 -41.97 25.83 10.03
N LEU B 353 -40.95 25.27 9.39
CA LEU B 353 -39.83 26.07 8.89
C LEU B 353 -40.36 27.22 8.08
N GLU B 354 -41.33 26.93 7.23
CA GLU B 354 -41.95 27.92 6.38
C GLU B 354 -42.53 29.07 7.18
N LYS B 355 -43.18 28.76 8.32
CA LYS B 355 -43.74 29.80 9.20
C LYS B 355 -42.68 30.83 9.58
N TYR B 356 -41.49 30.35 9.91
CA TYR B 356 -40.38 31.20 10.34
C TYR B 356 -39.76 32.00 9.19
N ARG B 357 -39.62 31.39 8.01
CA ARG B 357 -39.14 32.12 6.84
C ARG B 357 -40.11 33.23 6.48
N SER B 358 -41.40 32.91 6.43
CA SER B 358 -42.44 33.91 6.20
C SER B 358 -42.35 34.97 7.31
N GLY B 359 -42.32 34.51 8.56
CA GLY B 359 -42.35 35.38 9.74
C GLY B 359 -41.24 36.40 9.85
N TYR B 360 -39.99 35.95 9.69
CA TYR B 360 -38.84 36.86 9.72
C TYR B 360 -38.92 37.83 8.56
N ILE B 361 -39.25 37.34 7.37
CA ILE B 361 -39.39 38.18 6.17
C ILE B 361 -40.42 39.31 6.33
N LYS B 362 -41.54 39.02 6.98
CA LYS B 362 -42.62 39.99 7.22
C LYS B 362 -42.37 40.89 8.44
N GLY B 363 -41.31 40.60 9.19
CA GLY B 363 -41.05 41.25 10.46
C GLY B 363 -42.03 40.91 11.58
N GLU B 364 -42.71 39.76 11.48
CA GLU B 364 -43.66 39.29 12.51
C GLU B 364 -42.99 38.34 13.51
N ILE B 365 -41.74 38.00 13.24
CA ILE B 365 -40.90 37.20 14.12
C ILE B 365 -39.56 37.92 14.34
N THR B 366 -39.12 37.99 15.60
CA THR B 366 -37.84 38.62 15.95
C THR B 366 -36.64 37.68 15.88
N SER B 367 -35.45 38.27 15.78
CA SER B 367 -34.19 37.53 15.91
C SER B 367 -34.14 36.75 17.23
N LYS B 368 -34.72 37.32 18.29
CA LYS B 368 -34.85 36.62 19.58
C LYS B 368 -35.66 35.33 19.40
N GLU B 369 -36.80 35.45 18.72
CA GLU B 369 -37.65 34.27 18.46
C GLU B 369 -36.97 33.26 17.52
N MET B 370 -36.24 33.76 16.53
CA MET B 370 -35.52 32.91 15.57
C MET B 370 -34.44 32.11 16.28
N LYS B 371 -33.56 32.81 16.99
CA LYS B 371 -32.57 32.15 17.85
C LYS B 371 -33.22 31.08 18.71
N GLU B 372 -34.30 31.41 19.40
CA GLU B 372 -34.95 30.48 20.35
C GLU B 372 -35.59 29.26 19.68
N LYS B 373 -36.15 29.42 18.49
CA LYS B 373 -36.65 28.25 17.76
C LYS B 373 -35.47 27.36 17.29
N CYS B 374 -34.43 27.99 16.77
CA CYS B 374 -33.18 27.30 16.49
C CYS B 374 -32.66 26.55 17.74
N VAL B 375 -32.63 27.23 18.89
CA VAL B 375 -32.18 26.60 20.16
C VAL B 375 -32.90 25.28 20.40
N VAL B 376 -34.22 25.30 20.38
CA VAL B 376 -34.99 24.13 20.79
C VAL B 376 -34.83 22.98 19.78
N VAL B 377 -34.75 23.35 18.50
CA VAL B 377 -34.56 22.37 17.42
C VAL B 377 -33.20 21.69 17.56
N ILE B 378 -32.14 22.48 17.71
CA ILE B 378 -30.82 21.89 17.89
C ILE B 378 -30.77 21.07 19.17
N GLN B 379 -31.49 21.54 20.19
CA GLN B 379 -31.57 20.79 21.43
C GLN B 379 -32.30 19.48 21.24
N GLU B 380 -33.37 19.47 20.44
CA GLU B 380 -34.06 18.21 20.13
C GLU B 380 -33.11 17.25 19.42
N PHE B 381 -32.24 17.78 18.55
CA PHE B 381 -31.34 16.94 17.78
C PHE B 381 -30.27 16.28 18.65
N VAL B 382 -29.55 17.11 19.42
CA VAL B 382 -28.43 16.61 20.21
C VAL B 382 -28.94 15.63 21.27
N SER B 383 -30.10 15.95 21.84
CA SER B 383 -30.72 15.13 22.85
C SER B 383 -31.09 13.72 22.32
N ARG B 384 -31.58 13.65 21.08
CA ARG B 384 -31.84 12.39 20.38
C ARG B 384 -30.53 11.62 20.21
N TYR B 385 -29.53 12.35 19.73
CA TYR B 385 -28.22 11.85 19.50
C TYR B 385 -27.56 11.27 20.74
N GLN B 386 -27.53 12.04 21.83
CA GLN B 386 -26.97 11.56 23.10
C GLN B 386 -27.74 10.38 23.73
N GLU B 387 -29.07 10.39 23.59
CA GLU B 387 -29.90 9.27 24.05
C GLU B 387 -29.51 7.95 23.36
N SER B 388 -29.06 8.06 22.13
CA SER B 388 -28.64 6.90 21.39
C SER B 388 -27.16 6.63 21.72
N ARG B 389 -26.37 7.71 21.79
CA ARG B 389 -24.92 7.62 22.00
C ARG B 389 -24.64 6.92 23.31
N LYS B 390 -25.33 7.33 24.37
CA LYS B 390 -25.08 6.74 25.67
C LYS B 390 -25.20 5.22 25.65
N ARG B 391 -25.91 4.68 24.65
CA ARG B 391 -26.28 3.27 24.61
C ARG B 391 -25.52 2.46 23.58
N VAL B 392 -24.64 3.10 22.82
CA VAL B 392 -23.82 2.40 21.82
C VAL B 392 -22.75 1.63 22.58
N THR B 393 -22.96 0.32 22.69
CA THR B 393 -22.01 -0.55 23.39
C THR B 393 -20.82 -0.79 22.47
N ASP B 394 -19.66 -1.11 23.05
CA ASP B 394 -18.50 -1.45 22.23
C ASP B 394 -18.66 -2.77 21.45
N ASP B 395 -19.56 -3.62 21.92
CA ASP B 395 -20.02 -4.79 21.17
C ASP B 395 -20.76 -4.36 19.90
N ASP B 396 -21.66 -3.39 20.02
CA ASP B 396 -22.42 -2.88 18.87
C ASP B 396 -21.51 -2.42 17.73
N LEU B 397 -20.43 -1.73 18.07
CA LEU B 397 -19.43 -1.32 17.08
C LEU B 397 -18.96 -2.48 16.20
N ARG B 398 -18.79 -3.67 16.80
CA ARG B 398 -18.28 -4.84 16.05
C ARG B 398 -19.13 -5.33 14.88
N ALA B 399 -20.45 -5.32 15.04
CA ALA B 399 -21.38 -5.67 13.94
C ALA B 399 -21.19 -4.81 12.67
N PHE B 400 -20.72 -3.59 12.85
CA PHE B 400 -20.55 -2.70 11.72
C PHE B 400 -19.23 -2.87 10.95
N ILE B 401 -18.18 -3.20 11.68
CA ILE B 401 -16.83 -3.34 11.10
C ILE B 401 -16.48 -4.78 10.68
N ASP B 402 -17.39 -5.72 10.92
CA ASP B 402 -17.15 -7.12 10.55
C ASP B 402 -17.41 -7.34 9.08
N ILE B 403 -16.40 -7.86 8.40
CA ILE B 403 -16.54 -8.15 6.98
C ILE B 403 -17.17 -9.52 6.79
N ASN B 404 -16.74 -10.49 7.61
CA ASN B 404 -17.18 -11.89 7.47
C ASN B 404 -18.59 -12.12 8.01
#